data_2NDJ
#
_entry.id   2NDJ
#
_entity_poly.entity_id   1
_entity_poly.type   'polypeptide(L)'
_entity_poly.pdbx_seq_one_letter_code
;MGHHHHHHGMETTNGTETWYESLHAVLKALNATLHSNLLCRPGPGLGPDNQTEERRASLPGRDDNSYMYILFVMFLFAVT
VGSLILGYTRSRKVDKRSDPYHVYIKNRVSMI
;
_entity_poly.pdbx_strand_id   A
#
# COMPACT_ATOMS: atom_id res chain seq x y z
N MET A 10 50.17 71.41 -15.39
CA MET A 10 51.16 70.52 -14.77
C MET A 10 50.52 69.66 -13.75
N GLU A 11 50.59 68.33 -13.87
CA GLU A 11 49.80 67.40 -13.00
C GLU A 11 50.37 67.34 -11.61
N THR A 12 49.64 66.85 -10.62
CA THR A 12 50.14 66.40 -9.24
C THR A 12 51.04 65.15 -9.31
N THR A 13 51.69 64.82 -8.20
CA THR A 13 52.84 63.87 -8.19
C THR A 13 52.32 62.40 -8.30
N ASN A 14 53.15 61.54 -8.91
CA ASN A 14 53.17 60.03 -8.69
C ASN A 14 53.60 59.73 -7.24
N GLY A 15 52.95 60.26 -6.21
CA GLY A 15 53.48 60.37 -4.86
C GLY A 15 52.55 60.82 -3.74
N THR A 16 51.27 61.24 -4.02
CA THR A 16 50.25 61.47 -2.99
C THR A 16 49.74 60.22 -2.28
N GLU A 17 49.18 60.49 -1.06
CA GLU A 17 48.51 59.40 -0.31
C GLU A 17 47.27 58.85 -1.00
N THR A 18 46.37 59.64 -1.71
CA THR A 18 45.17 59.13 -2.37
C THR A 18 45.43 58.34 -3.69
N TRP A 19 46.54 58.73 -4.43
CA TRP A 19 47.10 58.05 -5.63
C TRP A 19 47.54 56.62 -5.31
N TYR A 20 48.31 56.50 -4.18
CA TYR A 20 48.66 55.19 -3.55
C TYR A 20 47.49 54.31 -3.10
N GLU A 21 46.44 54.89 -2.58
CA GLU A 21 45.15 54.22 -2.23
C GLU A 21 44.26 53.74 -3.37
N SER A 22 44.41 54.34 -4.53
CA SER A 22 43.71 54.02 -5.77
C SER A 22 44.48 52.92 -6.50
N LEU A 23 45.87 52.99 -6.40
CA LEU A 23 46.78 51.82 -6.74
C LEU A 23 46.50 50.68 -5.75
N HIS A 24 46.25 50.93 -4.48
CA HIS A 24 46.00 49.86 -3.49
C HIS A 24 44.72 49.17 -3.82
N ALA A 25 43.66 49.87 -4.27
CA ALA A 25 42.38 49.35 -4.71
C ALA A 25 42.50 48.50 -5.93
N VAL A 26 43.29 48.95 -6.89
CA VAL A 26 43.62 48.21 -8.20
C VAL A 26 44.35 46.93 -7.92
N LEU A 27 45.24 46.91 -6.90
CA LEU A 27 45.93 45.73 -6.36
C LEU A 27 45.02 44.72 -5.62
N LYS A 28 44.09 45.29 -4.84
CA LYS A 28 43.01 44.40 -4.11
C LYS A 28 42.07 43.70 -5.11
N ALA A 29 41.57 44.44 -6.08
CA ALA A 29 40.91 43.87 -7.28
C ALA A 29 41.74 42.87 -8.08
N LEU A 30 43.00 43.12 -8.31
CA LEU A 30 43.89 42.22 -9.07
C LEU A 30 44.06 40.90 -8.26
N ASN A 31 44.17 40.94 -6.91
CA ASN A 31 44.16 39.74 -6.04
C ASN A 31 42.88 38.97 -6.00
N ALA A 32 41.72 39.59 -6.16
CA ALA A 32 40.39 39.06 -6.32
C ALA A 32 40.11 38.33 -7.64
N THR A 33 40.54 38.96 -8.71
CA THR A 33 40.47 38.41 -10.12
C THR A 33 41.39 37.18 -10.06
N LEU A 34 42.57 37.23 -9.41
CA LEU A 34 43.47 36.06 -9.31
C LEU A 34 42.91 34.95 -8.44
N HIS A 35 42.60 34.99 -7.19
CA HIS A 35 41.99 33.93 -6.35
C HIS A 35 40.68 33.34 -6.99
N SER A 36 39.79 34.25 -7.37
CA SER A 36 38.54 33.89 -8.04
C SER A 36 38.67 33.06 -9.36
N ASN A 37 39.70 33.33 -10.09
CA ASN A 37 40.14 32.52 -11.21
C ASN A 37 40.77 31.18 -10.74
N LEU A 38 41.80 31.18 -9.86
CA LEU A 38 42.54 30.05 -9.41
C LEU A 38 41.74 28.92 -8.78
N LEU A 39 40.54 29.16 -8.19
CA LEU A 39 39.69 28.14 -7.50
C LEU A 39 38.94 27.18 -8.41
N CYS A 40 38.97 27.48 -9.71
CA CYS A 40 38.54 26.51 -10.77
C CYS A 40 37.08 25.99 -10.80
N ARG A 41 36.11 26.84 -10.64
CA ARG A 41 34.66 26.49 -10.74
C ARG A 41 34.39 26.06 -12.13
N PRO A 42 33.59 24.94 -12.27
CA PRO A 42 33.13 24.57 -13.66
C PRO A 42 32.25 25.62 -14.25
N GLY A 43 32.32 25.91 -15.53
CA GLY A 43 31.60 27.04 -16.08
C GLY A 43 30.10 26.76 -16.35
N PRO A 44 29.29 27.80 -16.57
CA PRO A 44 27.90 27.63 -17.02
C PRO A 44 27.58 27.01 -18.36
N GLY A 45 26.55 26.21 -18.35
CA GLY A 45 26.22 25.32 -19.48
C GLY A 45 26.97 23.96 -19.46
N LEU A 46 27.10 23.37 -18.24
CA LEU A 46 27.60 21.96 -18.06
C LEU A 46 26.53 20.93 -18.35
N GLY A 47 25.25 21.21 -17.97
CA GLY A 47 24.08 20.54 -18.50
C GLY A 47 23.48 21.34 -19.63
N PRO A 48 22.49 20.80 -20.24
CA PRO A 48 21.79 21.48 -21.31
C PRO A 48 21.15 22.79 -20.84
N ASP A 49 21.31 23.88 -21.56
CA ASP A 49 20.56 25.18 -21.25
C ASP A 49 19.04 25.12 -21.49
N ASN A 50 18.63 24.28 -22.46
CA ASN A 50 17.24 23.80 -22.45
C ASN A 50 16.87 22.77 -21.31
N GLN A 51 17.70 22.43 -20.25
CA GLN A 51 17.25 21.53 -19.18
C GLN A 51 16.15 22.05 -18.25
N THR A 52 14.87 21.82 -18.64
CA THR A 52 13.73 22.53 -17.91
C THR A 52 13.63 22.11 -16.45
N GLU A 53 13.14 22.98 -15.54
CA GLU A 53 12.46 22.51 -14.24
C GLU A 53 11.64 21.20 -14.39
N GLU A 54 11.69 20.32 -13.37
CA GLU A 54 10.85 19.11 -13.21
C GLU A 54 10.04 19.01 -11.88
N ARG A 55 9.27 17.96 -11.73
CA ARG A 55 8.60 17.47 -10.49
C ARG A 55 9.35 16.30 -9.94
N ARG A 56 9.05 15.73 -8.69
CA ARG A 56 9.39 14.41 -8.17
C ARG A 56 8.79 13.25 -8.92
N ALA A 57 9.30 12.04 -8.76
CA ALA A 57 8.61 10.76 -8.94
C ALA A 57 7.14 10.74 -8.32
N SER A 58 6.22 10.06 -9.02
CA SER A 58 4.74 9.96 -8.72
C SER A 58 4.22 8.61 -9.17
N LEU A 59 4.46 7.50 -8.48
CA LEU A 59 4.31 6.06 -8.90
C LEU A 59 2.83 5.63 -9.03
N PRO A 60 2.55 4.63 -9.95
CA PRO A 60 1.15 4.27 -10.29
C PRO A 60 0.14 4.16 -9.20
N GLY A 61 -1.14 4.55 -9.48
CA GLY A 61 -2.28 4.28 -8.62
C GLY A 61 -3.13 3.12 -9.14
N ARG A 62 -4.13 2.85 -8.34
CA ARG A 62 -5.06 1.81 -8.57
C ARG A 62 -5.95 2.06 -9.79
N ASP A 63 -6.28 1.07 -10.64
CA ASP A 63 -7.21 1.03 -11.78
C ASP A 63 -7.86 -0.35 -11.70
N ASP A 64 -8.78 -0.59 -12.64
CA ASP A 64 -9.57 -1.83 -12.91
C ASP A 64 -8.67 -3.08 -13.00
N ASN A 65 -7.62 -3.01 -13.85
CA ASN A 65 -6.71 -4.15 -14.07
C ASN A 65 -5.85 -4.47 -12.81
N SER A 66 -5.44 -3.45 -12.06
CA SER A 66 -4.67 -3.59 -10.77
C SER A 66 -5.46 -3.88 -9.53
N TYR A 67 -6.80 -3.55 -9.53
CA TYR A 67 -7.97 -4.18 -8.86
C TYR A 67 -8.30 -5.65 -9.10
N MET A 68 -8.21 -6.15 -10.28
CA MET A 68 -8.48 -7.51 -10.61
C MET A 68 -7.19 -8.41 -10.28
N TYR A 69 -5.97 -7.90 -10.46
CA TYR A 69 -4.82 -8.45 -9.80
C TYR A 69 -4.91 -8.47 -8.30
N ILE A 70 -5.68 -7.50 -7.73
CA ILE A 70 -5.96 -7.52 -6.29
C ILE A 70 -6.98 -8.54 -5.71
N LEU A 71 -7.98 -8.84 -6.53
CA LEU A 71 -8.90 -9.97 -6.34
C LEU A 71 -8.22 -11.40 -6.50
N PHE A 72 -7.27 -11.48 -7.48
CA PHE A 72 -6.32 -12.61 -7.54
C PHE A 72 -5.18 -12.65 -6.52
N VAL A 73 -4.85 -11.53 -5.94
CA VAL A 73 -3.97 -11.43 -4.74
C VAL A 73 -4.71 -11.95 -3.55
N MET A 74 -5.97 -11.59 -3.34
CA MET A 74 -6.87 -12.19 -2.34
C MET A 74 -7.02 -13.73 -2.49
N PHE A 75 -6.99 -14.28 -3.69
CA PHE A 75 -6.87 -15.74 -4.04
C PHE A 75 -5.52 -16.44 -3.69
N LEU A 76 -4.45 -15.80 -4.17
CA LEU A 76 -3.08 -16.14 -3.89
C LEU A 76 -2.92 -15.97 -2.41
N PHE A 77 -3.58 -15.13 -1.62
CA PHE A 77 -3.63 -15.14 -0.18
C PHE A 77 -4.21 -16.38 0.53
N ALA A 78 -5.42 -16.93 0.16
CA ALA A 78 -5.79 -18.26 0.78
C ALA A 78 -4.78 -19.44 0.44
N VAL A 79 -4.08 -19.42 -0.69
CA VAL A 79 -2.99 -20.37 -0.91
C VAL A 79 -1.77 -19.93 -0.21
N THR A 80 -1.53 -18.65 0.03
CA THR A 80 -0.46 -18.26 0.98
C THR A 80 -0.58 -18.69 2.40
N VAL A 81 -1.87 -18.91 2.84
CA VAL A 81 -2.14 -19.55 4.08
C VAL A 81 -1.67 -20.99 4.07
N GLY A 82 -1.85 -21.71 2.97
CA GLY A 82 -1.29 -23.00 2.77
C GLY A 82 0.33 -22.85 2.79
N SER A 83 0.89 -21.95 2.08
CA SER A 83 2.32 -21.78 1.81
C SER A 83 2.91 -21.31 3.10
N LEU A 84 2.23 -20.67 4.10
CA LEU A 84 2.65 -20.35 5.47
C LEU A 84 2.82 -21.60 6.41
N ILE A 85 1.75 -22.46 6.49
CA ILE A 85 1.76 -23.71 7.20
C ILE A 85 2.86 -24.66 6.76
N LEU A 86 3.05 -24.73 5.48
CA LEU A 86 4.17 -25.45 4.85
C LEU A 86 5.51 -24.62 4.91
N GLY A 87 5.47 -23.25 4.85
CA GLY A 87 6.51 -22.39 5.43
C GLY A 87 7.18 -22.85 6.76
N TYR A 88 6.33 -23.10 7.77
CA TYR A 88 6.68 -23.88 9.03
C TYR A 88 7.17 -25.33 8.88
N THR A 89 6.46 -26.16 8.16
CA THR A 89 6.83 -27.50 7.94
C THR A 89 8.18 -27.68 7.14
N ARG A 90 8.45 -26.80 6.16
CA ARG A 90 9.57 -27.03 5.22
C ARG A 90 10.67 -25.88 4.96
N SER A 91 10.26 -24.57 4.99
CA SER A 91 11.24 -23.48 4.84
C SER A 91 11.92 -23.20 6.17
N ARG A 92 11.21 -23.22 7.28
CA ARG A 92 11.79 -23.18 8.60
C ARG A 92 12.59 -24.50 8.88
N LYS A 93 13.89 -24.40 9.08
CA LYS A 93 14.79 -25.60 9.44
C LYS A 93 15.41 -25.53 10.87
N VAL A 94 14.54 -25.42 11.84
CA VAL A 94 14.86 -25.24 13.28
C VAL A 94 14.74 -26.61 13.92
N ASP A 95 15.77 -27.08 14.65
CA ASP A 95 15.63 -28.41 15.29
C ASP A 95 14.66 -28.52 16.54
N LYS A 96 14.00 -29.62 16.76
CA LYS A 96 13.16 -29.82 17.95
C LYS A 96 13.88 -29.45 19.33
N ARG A 97 13.12 -29.08 20.35
CA ARG A 97 13.52 -29.06 21.74
C ARG A 97 13.60 -30.49 22.41
N SER A 98 12.67 -31.38 22.16
CA SER A 98 12.39 -32.65 22.75
C SER A 98 11.55 -33.55 21.89
N ASP A 99 11.66 -34.84 22.12
CA ASP A 99 10.99 -35.90 21.29
C ASP A 99 9.47 -36.05 21.24
N PRO A 100 8.83 -36.37 20.10
CA PRO A 100 7.38 -36.30 20.01
C PRO A 100 6.55 -37.04 21.07
N TYR A 101 7.09 -38.10 21.61
CA TYR A 101 6.49 -38.92 22.66
C TYR A 101 6.93 -38.56 24.12
N HIS A 102 8.18 -38.15 24.29
CA HIS A 102 8.85 -37.61 25.47
C HIS A 102 8.14 -36.33 25.86
N VAL A 103 7.67 -35.46 24.96
CA VAL A 103 7.07 -34.14 25.32
C VAL A 103 5.69 -34.28 26.02
N TYR A 104 5.07 -35.44 25.82
CA TYR A 104 3.83 -35.86 26.44
C TYR A 104 3.91 -36.66 27.74
N ILE A 105 5.04 -36.80 28.38
CA ILE A 105 5.21 -37.47 29.68
C ILE A 105 4.49 -36.57 30.66
N LYS A 106 3.41 -37.14 31.27
CA LYS A 106 2.37 -36.40 32.00
C LYS A 106 2.82 -35.56 33.21
N ASN A 107 3.94 -35.89 34.01
CA ASN A 107 4.33 -35.07 35.21
C ASN A 107 5.22 -33.82 34.82
N ARG A 108 5.14 -33.39 33.54
CA ARG A 108 5.56 -32.05 33.11
C ARG A 108 4.76 -31.59 31.92
N VAL A 109 4.82 -30.28 31.75
CA VAL A 109 4.02 -29.58 30.71
C VAL A 109 4.56 -29.96 29.33
N SER A 110 3.73 -30.28 28.35
CA SER A 110 4.17 -30.51 27.02
C SER A 110 4.53 -29.21 26.33
N MET A 111 5.71 -29.12 25.74
CA MET A 111 6.33 -27.89 25.18
C MET A 111 6.93 -27.99 23.76
N ILE A 112 6.17 -27.68 22.71
CA ILE A 112 6.76 -27.59 21.42
C ILE A 112 7.71 -26.35 21.51
N MET A 10 5.91 9.15 -0.41
CA MET A 10 7.01 9.04 -1.42
C MET A 10 6.39 9.19 -2.81
N GLU A 11 7.25 9.45 -3.83
CA GLU A 11 6.89 9.47 -5.27
C GLU A 11 8.07 9.21 -6.23
N THR A 12 8.06 8.22 -7.15
CA THR A 12 8.91 8.24 -8.35
C THR A 12 8.34 7.79 -9.71
N THR A 13 7.24 7.00 -9.69
CA THR A 13 6.73 6.31 -10.89
C THR A 13 5.97 7.19 -11.85
N ASN A 14 6.60 8.16 -12.42
CA ASN A 14 5.99 9.44 -12.88
C ASN A 14 5.47 9.47 -14.32
N GLY A 15 4.42 10.27 -14.60
CA GLY A 15 3.95 10.63 -15.94
C GLY A 15 3.44 9.49 -16.77
N THR A 16 2.95 8.35 -16.11
CA THR A 16 2.75 7.10 -16.81
C THR A 16 1.60 6.94 -17.77
N GLU A 17 1.63 6.18 -18.86
CA GLU A 17 0.39 5.89 -19.60
C GLU A 17 -0.64 5.18 -18.85
N THR A 18 -0.23 4.39 -17.91
CA THR A 18 -1.07 3.68 -16.94
C THR A 18 -1.75 4.65 -15.93
N TRP A 19 -1.19 5.82 -15.64
CA TRP A 19 -1.87 6.80 -14.87
C TRP A 19 -2.77 7.59 -15.80
N TYR A 20 -2.40 7.90 -17.10
CA TYR A 20 -3.21 8.48 -18.10
C TYR A 20 -4.62 7.73 -18.37
N GLU A 21 -4.48 6.39 -18.42
CA GLU A 21 -5.61 5.51 -18.46
C GLU A 21 -6.45 5.41 -17.22
N SER A 22 -5.91 5.74 -16.05
CA SER A 22 -6.69 5.88 -14.79
C SER A 22 -7.42 7.21 -14.75
N LEU A 23 -6.76 8.34 -15.08
CA LEU A 23 -7.34 9.66 -15.35
C LEU A 23 -8.45 9.75 -16.42
N HIS A 24 -8.28 8.94 -17.47
CA HIS A 24 -9.37 8.77 -18.46
C HIS A 24 -10.55 8.07 -17.87
N ALA A 25 -10.31 7.00 -17.10
CA ALA A 25 -11.36 6.32 -16.40
C ALA A 25 -12.11 7.09 -15.34
N VAL A 26 -11.42 7.94 -14.58
CA VAL A 26 -12.12 8.79 -13.63
C VAL A 26 -12.82 9.95 -14.33
N LEU A 27 -12.38 10.46 -15.48
CA LEU A 27 -13.09 11.52 -16.13
C LEU A 27 -14.28 10.98 -16.97
N LYS A 28 -14.18 9.74 -17.49
CA LYS A 28 -15.39 8.99 -18.01
C LYS A 28 -16.59 8.87 -17.03
N ALA A 29 -16.17 8.67 -15.75
CA ALA A 29 -17.05 8.43 -14.65
C ALA A 29 -17.53 9.81 -14.06
N LEU A 30 -16.69 10.86 -14.06
CA LEU A 30 -17.10 12.17 -13.67
C LEU A 30 -18.12 12.65 -14.65
N ASN A 31 -17.87 12.56 -15.98
CA ASN A 31 -18.83 12.70 -17.10
C ASN A 31 -20.17 11.92 -17.01
N ALA A 32 -20.17 10.71 -16.35
CA ALA A 32 -21.38 9.85 -16.20
C ALA A 32 -22.20 10.32 -15.05
N THR A 33 -21.56 10.62 -13.86
CA THR A 33 -22.27 11.29 -12.83
C THR A 33 -22.82 12.63 -13.19
N LEU A 34 -22.19 13.27 -14.18
CA LEU A 34 -22.61 14.51 -14.72
C LEU A 34 -23.88 14.38 -15.50
N HIS A 35 -24.02 13.38 -16.32
CA HIS A 35 -25.23 13.09 -17.09
C HIS A 35 -26.41 12.72 -16.16
N SER A 36 -26.16 11.95 -15.04
CA SER A 36 -27.23 11.80 -14.10
C SER A 36 -27.44 13.07 -13.21
N ASN A 37 -26.47 13.91 -12.98
CA ASN A 37 -26.52 15.14 -12.25
C ASN A 37 -27.40 16.27 -12.88
N LEU A 38 -27.17 16.38 -14.20
CA LEU A 38 -28.02 17.09 -15.21
C LEU A 38 -29.46 16.51 -15.39
N LEU A 39 -29.66 15.39 -14.69
CA LEU A 39 -31.00 14.78 -14.41
C LEU A 39 -31.51 14.78 -12.92
N CYS A 40 -30.59 14.85 -11.92
CA CYS A 40 -30.91 14.99 -10.49
C CYS A 40 -29.70 15.33 -9.73
N ARG A 41 -29.61 16.54 -9.21
CA ARG A 41 -28.41 17.21 -8.64
C ARG A 41 -28.29 16.68 -7.15
N PRO A 42 -27.07 16.39 -6.71
CA PRO A 42 -26.77 15.81 -5.42
C PRO A 42 -27.11 16.60 -4.11
N GLY A 43 -27.25 15.84 -3.03
CA GLY A 43 -27.22 16.37 -1.59
C GLY A 43 -25.86 16.56 -1.07
N PRO A 44 -25.70 17.09 0.20
CA PRO A 44 -24.40 17.09 0.92
C PRO A 44 -23.98 15.68 1.49
N GLY A 45 -22.74 15.26 1.31
CA GLY A 45 -22.20 14.02 1.81
C GLY A 45 -21.59 13.06 0.79
N LEU A 46 -21.67 11.83 1.14
CA LEU A 46 -21.08 10.69 0.45
C LEU A 46 -21.92 10.30 -0.80
N GLY A 47 -21.24 10.02 -1.87
CA GLY A 47 -21.66 9.89 -3.26
C GLY A 47 -20.77 8.92 -3.95
N PRO A 48 -20.90 8.75 -5.29
CA PRO A 48 -20.05 7.76 -6.05
C PRO A 48 -18.61 8.12 -6.02
N ASP A 49 -17.78 7.10 -6.25
CA ASP A 49 -16.38 7.24 -5.87
C ASP A 49 -15.37 8.01 -6.68
N ASN A 50 -15.84 8.43 -7.85
CA ASN A 50 -15.06 9.36 -8.75
C ASN A 50 -14.92 10.84 -8.26
N GLN A 51 -15.88 11.33 -7.44
CA GLN A 51 -15.81 12.58 -6.74
C GLN A 51 -14.52 12.54 -5.79
N THR A 52 -13.95 13.69 -5.44
CA THR A 52 -12.78 13.66 -4.65
C THR A 52 -13.02 13.75 -3.15
N GLU A 53 -12.69 12.63 -2.48
CA GLU A 53 -12.80 12.47 -1.05
C GLU A 53 -11.61 11.67 -0.52
N GLU A 54 -11.03 12.01 0.63
CA GLU A 54 -10.09 11.19 1.40
C GLU A 54 -10.78 10.01 1.96
N ARG A 55 -10.25 8.75 1.78
CA ARG A 55 -10.84 7.36 2.12
C ARG A 55 -9.81 6.35 2.60
N ARG A 56 -10.20 5.21 3.18
CA ARG A 56 -9.28 4.15 3.57
C ARG A 56 -8.34 3.67 2.43
N ALA A 57 -7.10 3.32 2.81
CA ALA A 57 -6.02 2.93 1.88
C ALA A 57 -6.30 1.51 1.30
N SER A 58 -6.83 0.61 2.20
CA SER A 58 -7.00 -0.81 1.87
C SER A 58 -8.21 -1.18 1.04
N LEU A 59 -8.66 -0.30 0.13
CA LEU A 59 -9.76 -0.49 -0.76
C LEU A 59 -9.22 -0.44 -2.25
N PRO A 60 -9.89 -0.99 -3.24
CA PRO A 60 -9.42 -0.94 -4.59
C PRO A 60 -9.26 0.42 -5.23
N GLY A 61 -8.13 0.55 -5.94
CA GLY A 61 -7.83 1.78 -6.72
C GLY A 61 -8.65 1.87 -8.02
N ARG A 62 -8.54 3.05 -8.56
CA ARG A 62 -9.13 3.42 -9.88
C ARG A 62 -8.99 2.47 -11.06
N ASP A 63 -7.88 1.81 -11.26
CA ASP A 63 -7.70 0.98 -12.53
C ASP A 63 -8.28 -0.46 -12.64
N ASP A 64 -9.01 -0.79 -13.68
CA ASP A 64 -9.69 -2.06 -13.84
C ASP A 64 -8.78 -3.33 -13.88
N ASN A 65 -7.54 -3.07 -14.27
CA ASN A 65 -6.53 -4.13 -14.44
C ASN A 65 -5.93 -4.55 -13.16
N SER A 66 -5.52 -3.54 -12.37
CA SER A 66 -4.80 -3.74 -11.10
C SER A 66 -5.70 -4.19 -9.93
N TYR A 67 -6.92 -3.72 -9.88
CA TYR A 67 -8.02 -4.28 -9.19
C TYR A 67 -8.24 -5.82 -9.41
N MET A 68 -8.16 -6.28 -10.67
CA MET A 68 -8.30 -7.73 -10.94
C MET A 68 -7.15 -8.50 -10.30
N TYR A 69 -5.89 -8.06 -10.51
CA TYR A 69 -4.73 -8.49 -9.71
C TYR A 69 -4.85 -8.41 -8.16
N ILE A 70 -5.76 -7.59 -7.72
CA ILE A 70 -6.15 -7.53 -6.32
C ILE A 70 -7.12 -8.65 -5.92
N LEU A 71 -8.05 -9.01 -6.79
CA LEU A 71 -8.90 -10.18 -6.64
C LEU A 71 -8.09 -11.50 -6.81
N PHE A 72 -7.06 -11.58 -7.65
CA PHE A 72 -6.06 -12.57 -7.65
C PHE A 72 -5.07 -12.58 -6.46
N VAL A 73 -4.96 -11.50 -5.72
CA VAL A 73 -4.16 -11.36 -4.54
C VAL A 73 -4.90 -11.80 -3.31
N MET A 74 -6.23 -11.63 -3.29
CA MET A 74 -7.25 -12.25 -2.45
C MET A 74 -7.17 -13.76 -2.61
N PHE A 75 -7.08 -14.25 -3.82
CA PHE A 75 -6.74 -15.69 -3.99
C PHE A 75 -5.36 -16.18 -3.56
N LEU A 76 -4.33 -15.38 -3.76
CA LEU A 76 -2.96 -15.63 -3.14
C LEU A 76 -2.96 -15.51 -1.63
N PHE A 77 -3.83 -14.69 -0.98
CA PHE A 77 -4.01 -14.72 0.47
C PHE A 77 -4.39 -16.16 0.90
N ALA A 78 -5.43 -16.84 0.36
CA ALA A 78 -5.76 -18.24 0.69
C ALA A 78 -4.62 -19.24 0.38
N VAL A 79 -3.84 -19.00 -0.64
CA VAL A 79 -2.67 -19.79 -1.07
C VAL A 79 -1.49 -19.55 -0.20
N THR A 80 -1.28 -18.33 0.35
CA THR A 80 -0.26 -17.95 1.36
C THR A 80 -0.64 -18.46 2.72
N VAL A 81 -1.92 -18.72 3.12
CA VAL A 81 -2.27 -19.40 4.36
C VAL A 81 -1.69 -20.84 4.28
N GLY A 82 -1.81 -21.49 3.09
CA GLY A 82 -1.34 -22.87 2.85
C GLY A 82 0.16 -22.97 2.57
N SER A 83 0.70 -21.97 1.88
CA SER A 83 2.12 -21.69 1.99
C SER A 83 2.66 -21.45 3.42
N LEU A 84 1.93 -20.77 4.35
CA LEU A 84 2.47 -20.45 5.74
C LEU A 84 2.59 -21.74 6.55
N ILE A 85 1.59 -22.67 6.53
CA ILE A 85 1.76 -23.99 7.00
C ILE A 85 2.95 -24.79 6.41
N LEU A 86 3.08 -24.99 5.09
CA LEU A 86 4.23 -25.71 4.49
C LEU A 86 5.64 -24.96 4.62
N GLY A 87 5.66 -23.63 4.77
CA GLY A 87 6.82 -22.89 5.27
C GLY A 87 7.25 -23.33 6.70
N TYR A 88 6.25 -23.47 7.57
CA TYR A 88 6.47 -24.10 8.90
C TYR A 88 7.00 -25.54 8.91
N THR A 89 6.66 -26.34 7.85
CA THR A 89 7.24 -27.69 7.65
C THR A 89 8.53 -27.70 6.92
N ARG A 90 8.76 -27.02 5.84
CA ARG A 90 9.86 -27.14 4.92
C ARG A 90 10.85 -26.04 4.98
N SER A 91 10.44 -24.78 4.89
CA SER A 91 11.39 -23.75 4.66
C SER A 91 12.01 -23.29 5.97
N ARG A 92 11.20 -23.08 7.07
CA ARG A 92 11.80 -22.58 8.31
C ARG A 92 12.68 -23.65 8.94
N LYS A 93 12.39 -24.95 8.84
CA LYS A 93 12.99 -26.12 9.49
C LYS A 93 14.35 -26.52 8.93
N VAL A 94 15.04 -25.65 8.21
CA VAL A 94 16.41 -25.82 7.63
C VAL A 94 17.56 -25.46 8.56
N ASP A 95 18.68 -26.22 8.49
CA ASP A 95 19.91 -26.02 9.35
C ASP A 95 20.48 -24.57 9.20
N LYS A 96 20.48 -23.77 10.24
CA LYS A 96 21.32 -22.54 10.29
C LYS A 96 22.84 -22.87 10.10
N ARG A 97 23.64 -21.98 9.52
CA ARG A 97 25.08 -22.00 9.59
C ARG A 97 25.47 -21.82 11.06
N SER A 98 24.86 -20.88 11.83
CA SER A 98 25.09 -20.59 13.31
C SER A 98 24.68 -21.67 14.30
N ASP A 99 25.56 -21.85 15.28
CA ASP A 99 25.47 -22.99 16.25
C ASP A 99 24.35 -22.92 17.31
N PRO A 100 23.36 -23.85 17.34
CA PRO A 100 22.26 -23.76 18.26
C PRO A 100 22.66 -23.89 19.72
N TYR A 101 23.76 -24.54 20.01
CA TYR A 101 24.32 -24.73 21.37
C TYR A 101 24.68 -23.40 22.05
N HIS A 102 25.23 -22.41 21.37
CA HIS A 102 25.53 -21.09 21.97
C HIS A 102 24.35 -20.48 22.67
N VAL A 103 23.13 -20.80 22.18
CA VAL A 103 21.95 -20.16 22.77
C VAL A 103 21.61 -20.82 24.06
N TYR A 104 21.91 -22.13 24.20
CA TYR A 104 21.57 -22.87 25.40
C TYR A 104 22.29 -22.48 26.72
N ILE A 105 23.59 -22.21 26.65
CA ILE A 105 24.40 -21.80 27.84
C ILE A 105 24.18 -20.33 28.38
N LYS A 106 24.20 -20.22 29.69
CA LYS A 106 23.54 -19.13 30.36
C LYS A 106 24.13 -17.79 30.32
N ASN A 107 25.35 -17.63 30.76
CA ASN A 107 26.19 -16.41 30.53
C ASN A 107 26.90 -16.45 29.13
N ARG A 108 26.16 -16.72 28.04
CA ARG A 108 26.66 -16.74 26.66
C ARG A 108 27.02 -15.36 26.12
N VAL A 109 27.72 -15.38 25.00
CA VAL A 109 28.13 -14.13 24.35
C VAL A 109 26.97 -13.53 23.57
N SER A 110 26.81 -12.23 23.72
CA SER A 110 25.88 -11.31 23.05
C SER A 110 26.25 -11.17 21.58
N MET A 111 25.37 -10.46 20.87
CA MET A 111 25.55 -10.09 19.44
C MET A 111 26.70 -9.17 19.17
N ILE A 112 27.38 -9.30 18.04
CA ILE A 112 28.40 -8.44 17.54
C ILE A 112 29.55 -8.45 18.64
N MET A 10 -9.53 24.19 -12.14
CA MET A 10 -9.97 25.60 -11.88
C MET A 10 -9.10 26.56 -12.69
N GLU A 11 -9.64 27.71 -13.14
CA GLU A 11 -8.80 28.79 -13.68
C GLU A 11 -8.37 29.75 -12.63
N THR A 12 -7.21 30.43 -12.85
CA THR A 12 -6.64 31.33 -11.93
C THR A 12 -6.40 32.79 -12.41
N THR A 13 -6.59 33.06 -13.74
CA THR A 13 -6.62 34.44 -14.35
C THR A 13 -7.38 35.49 -13.59
N ASN A 14 -6.84 36.67 -13.41
CA ASN A 14 -7.45 37.85 -12.84
C ASN A 14 -8.59 38.36 -13.84
N GLY A 15 -9.71 38.88 -13.34
CA GLY A 15 -10.77 39.59 -14.20
C GLY A 15 -11.70 40.40 -13.28
N THR A 16 -12.80 40.81 -13.93
CA THR A 16 -13.95 41.49 -13.25
C THR A 16 -14.54 40.77 -12.03
N GLU A 17 -15.23 41.61 -11.23
CA GLU A 17 -16.20 41.14 -10.27
C GLU A 17 -17.17 40.07 -10.86
N THR A 18 -17.80 40.28 -12.04
CA THR A 18 -18.59 39.18 -12.70
C THR A 18 -17.81 38.04 -13.32
N TRP A 19 -16.55 38.26 -13.72
CA TRP A 19 -15.66 37.11 -13.86
C TRP A 19 -15.59 36.23 -12.64
N TYR A 20 -15.28 36.75 -11.47
CA TYR A 20 -15.19 35.95 -10.25
C TYR A 20 -16.56 35.32 -9.85
N GLU A 21 -17.68 35.94 -10.29
CA GLU A 21 -19.01 35.41 -10.24
C GLU A 21 -19.33 34.19 -11.13
N SER A 22 -18.58 34.24 -12.21
CA SER A 22 -18.51 33.06 -13.18
C SER A 22 -17.72 31.95 -12.54
N LEU A 23 -16.58 32.24 -11.91
CA LEU A 23 -15.87 31.20 -11.11
C LEU A 23 -16.59 30.78 -9.80
N HIS A 24 -17.60 31.56 -9.36
CA HIS A 24 -18.45 31.13 -8.29
C HIS A 24 -19.60 30.19 -8.76
N ALA A 25 -20.18 30.38 -9.95
CA ALA A 25 -21.13 29.38 -10.52
C ALA A 25 -20.46 28.01 -10.85
N VAL A 26 -19.23 27.97 -11.38
CA VAL A 26 -18.59 26.75 -11.66
C VAL A 26 -18.22 25.83 -10.44
N LEU A 27 -17.72 26.50 -9.38
CA LEU A 27 -17.47 25.91 -8.15
C LEU A 27 -18.59 25.09 -7.53
N LYS A 28 -19.77 25.78 -7.50
CA LYS A 28 -21.00 25.21 -6.98
C LYS A 28 -21.44 23.97 -7.79
N ALA A 29 -21.24 24.05 -9.12
CA ALA A 29 -21.51 22.89 -9.90
C ALA A 29 -20.49 21.72 -9.69
N LEU A 30 -19.15 22.07 -9.71
CA LEU A 30 -18.16 21.04 -9.48
C LEU A 30 -18.26 20.40 -8.13
N ASN A 31 -18.59 21.13 -7.10
CA ASN A 31 -18.70 20.64 -5.73
C ASN A 31 -19.92 19.68 -5.57
N ALA A 32 -21.12 20.07 -6.20
CA ALA A 32 -22.34 19.17 -6.13
C ALA A 32 -22.13 17.81 -6.85
N THR A 33 -21.57 17.95 -8.06
CA THR A 33 -20.92 16.88 -8.85
C THR A 33 -19.84 16.09 -8.09
N LEU A 34 -19.08 16.68 -7.14
CA LEU A 34 -18.12 15.93 -6.32
C LEU A 34 -18.83 15.22 -5.14
N HIS A 35 -19.77 15.89 -4.46
CA HIS A 35 -20.69 15.23 -3.42
C HIS A 35 -21.57 14.15 -4.04
N SER A 36 -21.67 14.09 -5.36
CA SER A 36 -22.18 12.87 -6.00
C SER A 36 -21.09 11.75 -6.01
N ASN A 37 -19.90 12.08 -6.50
CA ASN A 37 -18.88 11.07 -6.66
C ASN A 37 -18.45 10.56 -5.30
N LEU A 38 -18.46 11.30 -4.19
CA LEU A 38 -18.00 10.93 -2.86
C LEU A 38 -18.97 9.98 -2.15
N LEU A 39 -20.21 10.08 -2.50
CA LEU A 39 -21.31 9.16 -2.04
C LEU A 39 -21.19 7.88 -2.88
N CYS A 40 -20.68 7.96 -4.14
CA CYS A 40 -20.43 6.88 -5.01
C CYS A 40 -19.04 6.16 -4.72
N ARG A 41 -18.88 4.96 -5.19
CA ARG A 41 -17.72 4.11 -5.09
C ARG A 41 -16.67 4.53 -6.14
N PRO A 42 -15.36 4.60 -5.73
CA PRO A 42 -14.32 5.14 -6.59
C PRO A 42 -13.82 4.19 -7.65
N GLY A 43 -12.97 4.67 -8.53
CA GLY A 43 -12.60 4.10 -9.78
C GLY A 43 -11.19 4.61 -10.31
N PRO A 44 -10.78 4.29 -11.49
CA PRO A 44 -9.44 4.64 -12.10
C PRO A 44 -9.07 6.11 -12.16
N GLY A 45 -7.81 6.46 -12.29
CA GLY A 45 -7.17 7.81 -12.50
C GLY A 45 -6.44 8.33 -11.22
N LEU A 46 -5.78 9.51 -11.30
CA LEU A 46 -4.87 10.01 -10.31
C LEU A 46 -5.60 11.03 -9.36
N GLY A 47 -6.80 11.44 -9.69
CA GLY A 47 -7.67 12.22 -8.79
C GLY A 47 -9.13 12.51 -9.27
N PRO A 48 -10.16 12.75 -8.43
CA PRO A 48 -11.51 12.75 -8.95
C PRO A 48 -11.75 14.07 -9.69
N ASP A 49 -12.54 13.90 -10.81
CA ASP A 49 -12.64 14.90 -11.98
C ASP A 49 -13.12 16.27 -11.65
N ASN A 50 -13.71 16.42 -10.47
CA ASN A 50 -14.42 17.70 -10.13
C ASN A 50 -13.75 18.41 -9.01
N GLN A 51 -12.66 17.96 -8.55
CA GLN A 51 -12.06 18.49 -7.33
C GLN A 51 -11.63 19.87 -7.58
N THR A 52 -12.19 20.79 -6.90
CA THR A 52 -11.96 22.26 -6.93
C THR A 52 -10.73 22.73 -6.14
N GLU A 53 -10.39 21.90 -5.10
CA GLU A 53 -9.05 22.00 -4.42
C GLU A 53 -8.00 21.31 -5.28
N GLU A 54 -6.76 21.79 -5.06
CA GLU A 54 -5.58 21.31 -5.52
C GLU A 54 -4.93 20.34 -4.62
N ARG A 55 -5.39 19.08 -4.56
CA ARG A 55 -4.78 18.01 -3.77
C ARG A 55 -3.51 17.39 -4.47
N ARG A 56 -2.57 16.85 -3.64
CA ARG A 56 -1.18 16.51 -4.05
C ARG A 56 -0.84 15.00 -3.89
N ALA A 57 -0.68 14.28 -5.03
CA ALA A 57 -0.41 12.80 -5.11
C ALA A 57 0.93 12.35 -4.50
N SER A 58 1.15 11.04 -4.35
CA SER A 58 2.40 10.43 -4.00
C SER A 58 2.56 9.22 -4.92
N LEU A 59 1.78 8.22 -4.79
CA LEU A 59 1.77 6.98 -5.60
C LEU A 59 1.04 7.05 -7.00
N PRO A 60 1.36 6.22 -7.97
CA PRO A 60 0.57 6.13 -9.16
C PRO A 60 -0.96 5.88 -9.02
N GLY A 61 -1.79 6.32 -9.97
CA GLY A 61 -3.24 6.36 -9.99
C GLY A 61 -3.86 4.98 -9.94
N ARG A 62 -5.15 5.01 -9.76
CA ARG A 62 -6.03 3.80 -9.56
C ARG A 62 -6.33 3.23 -11.01
N ASP A 63 -6.51 1.95 -11.10
CA ASP A 63 -6.58 1.15 -12.26
C ASP A 63 -7.45 -0.08 -12.09
N ASP A 64 -8.59 -0.33 -12.80
CA ASP A 64 -9.38 -1.56 -12.68
C ASP A 64 -8.77 -2.93 -13.11
N ASN A 65 -7.87 -2.94 -14.08
CA ASN A 65 -7.07 -4.19 -14.27
C ASN A 65 -6.22 -4.57 -13.05
N SER A 66 -5.63 -3.56 -12.35
CA SER A 66 -4.84 -3.76 -11.17
C SER A 66 -5.62 -4.10 -9.98
N TYR A 67 -6.90 -3.65 -9.87
CA TYR A 67 -7.90 -4.14 -9.01
C TYR A 67 -8.52 -5.52 -9.26
N MET A 68 -8.50 -5.91 -10.50
CA MET A 68 -8.68 -7.32 -10.87
C MET A 68 -7.48 -8.18 -10.50
N TYR A 69 -6.23 -7.76 -10.64
CA TYR A 69 -5.13 -8.43 -9.88
C TYR A 69 -5.27 -8.49 -8.39
N ILE A 70 -5.99 -7.55 -7.75
CA ILE A 70 -6.32 -7.59 -6.25
C ILE A 70 -7.42 -8.63 -5.91
N LEU A 71 -8.30 -9.03 -6.84
CA LEU A 71 -9.10 -10.22 -6.71
C LEU A 71 -8.20 -11.43 -6.68
N PHE A 72 -7.21 -11.42 -7.60
CA PHE A 72 -6.16 -12.45 -7.70
C PHE A 72 -5.28 -12.51 -6.49
N VAL A 73 -5.20 -11.40 -5.68
CA VAL A 73 -4.40 -11.31 -4.45
C VAL A 73 -5.14 -11.63 -3.11
N MET A 74 -6.49 -11.59 -3.08
CA MET A 74 -7.30 -12.33 -2.15
C MET A 74 -7.19 -13.91 -2.41
N PHE A 75 -7.23 -14.35 -3.71
CA PHE A 75 -6.92 -15.72 -4.02
C PHE A 75 -5.45 -16.14 -3.57
N LEU A 76 -4.34 -15.34 -3.91
CA LEU A 76 -2.97 -15.65 -3.51
C LEU A 76 -2.83 -15.69 -2.00
N PHE A 77 -3.51 -14.79 -1.33
CA PHE A 77 -3.56 -14.85 0.09
C PHE A 77 -3.88 -16.22 0.74
N ALA A 78 -4.95 -16.81 0.30
CA ALA A 78 -5.36 -18.20 0.67
C ALA A 78 -4.28 -19.25 0.29
N VAL A 79 -3.56 -19.07 -0.88
CA VAL A 79 -2.40 -19.82 -1.35
C VAL A 79 -1.16 -19.57 -0.48
N THR A 80 -0.94 -18.34 -0.03
CA THR A 80 0.01 -18.02 1.05
C THR A 80 -0.28 -18.35 2.47
N VAL A 81 -1.58 -18.65 2.71
CA VAL A 81 -2.00 -19.30 3.94
C VAL A 81 -1.33 -20.66 3.91
N GLY A 82 -1.43 -21.41 2.84
CA GLY A 82 -1.02 -22.82 2.82
C GLY A 82 0.45 -22.94 2.68
N SER A 83 1.03 -22.01 1.98
CA SER A 83 2.53 -21.88 2.01
C SER A 83 3.11 -21.56 3.43
N LEU A 84 2.32 -20.83 4.30
CA LEU A 84 2.78 -20.56 5.65
C LEU A 84 2.83 -21.84 6.46
N ILE A 85 1.70 -22.59 6.46
CA ILE A 85 1.64 -23.88 7.14
C ILE A 85 2.76 -24.88 6.62
N LEU A 86 2.89 -25.03 5.28
CA LEU A 86 4.08 -25.59 4.70
C LEU A 86 5.36 -24.93 5.10
N GLY A 87 5.37 -23.62 5.21
CA GLY A 87 6.56 -22.92 5.64
C GLY A 87 7.25 -23.51 6.90
N TYR A 88 6.40 -23.55 7.99
CA TYR A 88 6.67 -24.22 9.23
C TYR A 88 7.01 -25.76 9.19
N THR A 89 6.27 -26.53 8.36
CA THR A 89 6.51 -28.00 8.14
C THR A 89 7.79 -28.29 7.29
N ARG A 90 8.03 -27.62 6.15
CA ARG A 90 9.19 -27.83 5.23
C ARG A 90 9.86 -26.56 4.62
N SER A 91 9.19 -25.52 4.17
CA SER A 91 9.74 -24.55 3.20
C SER A 91 10.74 -23.44 3.69
N ARG A 92 10.66 -23.13 5.01
CA ARG A 92 11.68 -22.27 5.73
C ARG A 92 12.35 -22.99 6.87
N LYS A 93 13.71 -22.98 6.97
CA LYS A 93 14.47 -23.63 8.09
C LYS A 93 14.18 -25.11 8.40
N VAL A 94 14.30 -25.91 7.38
CA VAL A 94 13.97 -27.40 7.36
C VAL A 94 14.61 -28.25 8.48
N ASP A 95 13.83 -29.17 9.08
CA ASP A 95 14.18 -30.11 10.09
C ASP A 95 15.09 -31.31 9.65
N LYS A 96 14.88 -31.84 8.42
CA LYS A 96 15.65 -32.92 7.78
C LYS A 96 17.10 -32.39 7.46
N ARG A 97 18.07 -33.31 7.33
CA ARG A 97 19.49 -33.05 6.91
C ARG A 97 19.90 -34.14 5.94
N SER A 98 18.93 -34.68 5.16
CA SER A 98 19.15 -35.83 4.28
C SER A 98 18.72 -35.48 2.90
N ASP A 99 19.51 -35.72 1.89
CA ASP A 99 19.24 -35.82 0.45
C ASP A 99 18.61 -37.18 0.04
N PRO A 100 17.98 -37.28 -1.15
CA PRO A 100 17.58 -38.59 -1.73
C PRO A 100 18.74 -39.55 -2.02
N TYR A 101 19.98 -39.01 -2.17
CA TYR A 101 21.18 -39.92 -2.11
C TYR A 101 21.46 -40.75 -0.79
N HIS A 102 21.24 -40.22 0.37
CA HIS A 102 21.21 -41.02 1.64
C HIS A 102 20.40 -42.28 1.59
N VAL A 103 19.29 -42.32 0.85
CA VAL A 103 18.39 -43.45 0.82
C VAL A 103 19.00 -44.72 0.25
N TYR A 104 19.94 -44.51 -0.66
CA TYR A 104 20.78 -45.44 -1.39
C TYR A 104 22.13 -45.88 -0.75
N ILE A 105 22.75 -44.96 0.04
CA ILE A 105 23.96 -45.31 0.79
C ILE A 105 23.95 -44.74 2.21
N LYS A 106 24.13 -45.62 3.22
CA LYS A 106 23.94 -45.26 4.71
C LYS A 106 25.02 -44.36 5.24
N ASN A 107 26.16 -44.37 4.56
CA ASN A 107 27.44 -43.59 4.78
C ASN A 107 27.34 -42.15 4.27
N ARG A 108 26.38 -41.72 3.46
CA ARG A 108 26.34 -40.36 2.85
C ARG A 108 26.40 -39.18 3.86
N VAL A 109 27.20 -38.16 3.45
CA VAL A 109 27.42 -36.87 4.18
C VAL A 109 26.07 -36.05 4.34
N SER A 110 25.83 -35.31 5.38
CA SER A 110 24.47 -34.68 5.61
C SER A 110 24.28 -33.51 4.62
N MET A 111 23.02 -33.21 4.32
CA MET A 111 22.53 -32.23 3.43
C MET A 111 22.90 -30.78 3.75
N ILE A 112 23.11 -29.99 2.73
CA ILE A 112 22.87 -28.53 2.72
C ILE A 112 22.16 -27.96 1.50
N MET A 10 26.32 -19.28 -10.78
CA MET A 10 25.27 -19.53 -11.76
C MET A 10 25.93 -20.17 -13.00
N GLU A 11 25.71 -21.47 -13.15
CA GLU A 11 26.52 -22.51 -13.85
C GLU A 11 25.82 -23.71 -14.40
N THR A 12 24.46 -23.72 -14.38
CA THR A 12 23.54 -24.69 -15.05
C THR A 12 22.11 -24.20 -15.13
N THR A 13 21.26 -24.85 -15.95
CA THR A 13 19.87 -24.53 -16.33
C THR A 13 18.83 -25.16 -15.50
N ASN A 14 18.74 -24.64 -14.26
CA ASN A 14 17.61 -24.93 -13.33
C ASN A 14 16.31 -24.23 -13.81
N GLY A 15 15.21 -24.89 -14.05
CA GLY A 15 13.94 -24.28 -14.64
C GLY A 15 12.85 -25.28 -15.13
N THR A 16 11.75 -24.82 -15.65
CA THR A 16 10.70 -25.58 -16.27
C THR A 16 10.10 -24.95 -17.49
N GLU A 17 9.22 -25.64 -18.20
CA GLU A 17 8.43 -25.01 -19.24
C GLU A 17 7.42 -23.95 -18.68
N THR A 18 6.85 -24.10 -17.49
CA THR A 18 5.89 -23.17 -16.95
C THR A 18 6.51 -21.91 -16.37
N TRP A 19 7.74 -22.09 -15.81
CA TRP A 19 8.75 -21.05 -15.63
C TRP A 19 9.18 -20.45 -16.98
N TYR A 20 9.55 -21.09 -18.07
CA TYR A 20 9.85 -20.42 -19.34
C TYR A 20 8.73 -19.54 -19.90
N GLU A 21 7.55 -20.16 -19.97
CA GLU A 21 6.41 -19.37 -20.45
C GLU A 21 6.03 -18.17 -19.60
N SER A 22 6.33 -18.18 -18.29
CA SER A 22 6.00 -17.06 -17.37
C SER A 22 7.01 -15.97 -17.43
N LEU A 23 8.24 -16.34 -17.61
CA LEU A 23 9.36 -15.41 -18.01
C LEU A 23 9.25 -14.84 -19.47
N HIS A 24 8.72 -15.57 -20.44
CA HIS A 24 8.25 -14.92 -21.75
C HIS A 24 7.08 -13.90 -21.42
N ALA A 25 6.04 -14.24 -20.68
CA ALA A 25 4.93 -13.26 -20.35
C ALA A 25 5.46 -11.95 -19.65
N VAL A 26 6.10 -12.13 -18.54
CA VAL A 26 6.60 -10.98 -17.82
C VAL A 26 7.56 -10.04 -18.61
N LEU A 27 8.44 -10.64 -19.47
CA LEU A 27 9.38 -9.89 -20.32
C LEU A 27 8.75 -9.20 -21.48
N LYS A 28 7.69 -9.82 -22.00
CA LYS A 28 6.84 -9.08 -22.92
C LYS A 28 6.15 -7.87 -22.29
N ALA A 29 5.83 -7.98 -21.04
CA ALA A 29 5.34 -6.83 -20.28
C ALA A 29 6.46 -5.81 -20.00
N LEU A 30 7.71 -6.29 -19.82
CA LEU A 30 8.89 -5.45 -19.63
C LEU A 30 9.13 -4.58 -20.95
N ASN A 31 9.08 -5.27 -22.12
CA ASN A 31 9.25 -4.63 -23.42
C ASN A 31 8.17 -3.56 -23.66
N ALA A 32 6.96 -3.67 -23.08
CA ALA A 32 5.77 -2.95 -23.37
C ALA A 32 5.63 -1.70 -22.38
N THR A 33 6.16 -1.84 -21.18
CA THR A 33 6.49 -0.68 -20.30
C THR A 33 7.57 0.20 -20.92
N LEU A 34 8.52 -0.43 -21.68
CA LEU A 34 9.56 0.28 -22.41
C LEU A 34 9.08 1.02 -23.63
N HIS A 35 8.10 0.40 -24.35
CA HIS A 35 7.23 1.14 -25.32
C HIS A 35 6.35 2.20 -24.62
N SER A 36 5.64 1.95 -23.50
CA SER A 36 5.05 3.03 -22.78
C SER A 36 5.99 4.16 -22.34
N ASN A 37 7.24 3.86 -21.98
CA ASN A 37 8.20 4.95 -21.71
C ASN A 37 8.74 5.67 -22.92
N LEU A 38 9.29 5.01 -23.90
CA LEU A 38 9.84 5.60 -25.14
C LEU A 38 8.81 6.30 -26.07
N LEU A 39 7.51 5.97 -25.99
CA LEU A 39 6.46 6.64 -26.72
C LEU A 39 5.67 7.60 -25.75
N CYS A 40 6.31 7.97 -24.64
CA CYS A 40 5.66 8.90 -23.75
C CYS A 40 5.75 10.42 -24.16
N ARG A 41 4.90 11.29 -23.56
CA ARG A 41 4.89 12.80 -23.83
C ARG A 41 6.13 13.55 -23.28
N PRO A 42 7.03 14.19 -24.05
CA PRO A 42 7.93 15.12 -23.44
C PRO A 42 7.25 16.37 -22.80
N GLY A 43 7.67 16.77 -21.61
CA GLY A 43 6.89 17.68 -20.82
C GLY A 43 6.38 17.04 -19.47
N PRO A 44 5.92 17.78 -18.44
CA PRO A 44 5.72 17.28 -17.09
C PRO A 44 4.57 16.23 -17.10
N GLY A 45 3.56 16.34 -18.03
CA GLY A 45 2.41 15.46 -18.06
C GLY A 45 2.81 14.02 -18.48
N LEU A 46 2.23 13.05 -17.89
CA LEU A 46 2.73 11.69 -17.93
C LEU A 46 1.84 10.87 -18.96
N GLY A 47 1.34 11.57 -19.94
CA GLY A 47 0.44 10.98 -20.93
C GLY A 47 -0.12 12.05 -21.89
N PRO A 48 -1.15 11.72 -22.66
CA PRO A 48 -1.68 12.57 -23.72
C PRO A 48 -2.05 13.97 -23.15
N ASP A 49 -1.91 15.01 -24.00
CA ASP A 49 -1.94 16.43 -23.58
C ASP A 49 -3.22 16.95 -22.80
N ASN A 50 -4.30 16.23 -22.99
CA ASN A 50 -5.59 16.70 -22.49
C ASN A 50 -6.10 16.29 -21.05
N GLN A 51 -5.22 15.55 -20.29
CA GLN A 51 -5.47 14.90 -19.04
C GLN A 51 -4.22 14.95 -18.12
N THR A 52 -4.43 14.59 -16.83
CA THR A 52 -3.33 14.56 -15.77
C THR A 52 -3.71 13.52 -14.71
N GLU A 53 -2.66 12.99 -14.13
CA GLU A 53 -2.75 12.02 -13.03
C GLU A 53 -3.74 12.35 -11.91
N GLU A 54 -4.86 11.73 -11.69
CA GLU A 54 -5.80 11.80 -10.56
C GLU A 54 -5.17 11.16 -9.31
N ARG A 55 -5.25 11.92 -8.22
CA ARG A 55 -4.71 11.49 -6.98
C ARG A 55 -5.28 10.15 -6.54
N ARG A 56 -4.42 9.21 -6.07
CA ARG A 56 -4.81 7.96 -5.36
C ARG A 56 -4.49 7.89 -3.93
N ALA A 57 -4.95 6.87 -3.21
CA ALA A 57 -4.52 6.52 -1.87
C ALA A 57 -3.14 5.77 -1.74
N SER A 58 -2.63 5.69 -0.50
CA SER A 58 -1.24 5.17 -0.17
C SER A 58 -1.08 3.63 -0.07
N LEU A 59 -1.72 3.04 -1.12
CA LEU A 59 -2.07 1.55 -1.23
C LEU A 59 -2.05 1.03 -2.68
N PRO A 60 -1.78 -0.32 -2.97
CA PRO A 60 -1.86 -0.89 -4.26
C PRO A 60 -3.23 -0.75 -4.93
N GLY A 61 -3.27 -0.66 -6.21
CA GLY A 61 -4.45 -0.41 -7.03
C GLY A 61 -4.62 1.12 -7.41
N ARG A 62 -4.90 1.45 -8.69
CA ARG A 62 -5.32 2.81 -9.22
C ARG A 62 -6.13 2.68 -10.53
N ASP A 63 -6.27 1.49 -11.08
CA ASP A 63 -7.03 1.27 -12.36
C ASP A 63 -7.74 -0.09 -12.22
N ASP A 64 -8.67 -0.46 -13.11
CA ASP A 64 -9.47 -1.67 -13.00
C ASP A 64 -8.65 -2.93 -13.23
N ASN A 65 -7.43 -2.82 -13.74
CA ASN A 65 -6.61 -4.04 -13.96
C ASN A 65 -5.74 -4.50 -12.78
N SER A 66 -5.04 -3.58 -12.20
CA SER A 66 -4.37 -3.70 -10.88
C SER A 66 -5.39 -4.18 -9.84
N TYR A 67 -6.66 -3.63 -9.86
CA TYR A 67 -7.76 -4.11 -8.93
C TYR A 67 -8.34 -5.50 -9.22
N MET A 68 -8.35 -5.97 -10.49
CA MET A 68 -8.65 -7.33 -10.83
C MET A 68 -7.52 -8.21 -10.30
N TYR A 69 -6.28 -7.80 -10.56
CA TYR A 69 -5.07 -8.44 -9.99
C TYR A 69 -5.20 -8.49 -8.49
N ILE A 70 -5.87 -7.47 -7.84
CA ILE A 70 -6.11 -7.61 -6.39
C ILE A 70 -7.12 -8.65 -5.99
N LEU A 71 -8.19 -8.79 -6.75
CA LEU A 71 -9.10 -9.88 -6.65
C LEU A 71 -8.30 -11.16 -6.69
N PHE A 72 -7.33 -11.33 -7.54
CA PHE A 72 -6.36 -12.48 -7.49
C PHE A 72 -5.41 -12.48 -6.35
N VAL A 73 -5.19 -11.33 -5.81
CA VAL A 73 -4.28 -11.22 -4.56
C VAL A 73 -4.95 -11.61 -3.25
N MET A 74 -6.29 -11.48 -3.17
CA MET A 74 -7.14 -12.14 -2.14
C MET A 74 -7.13 -13.65 -2.28
N PHE A 75 -7.31 -14.13 -3.50
CA PHE A 75 -7.00 -15.58 -3.87
C PHE A 75 -5.57 -16.14 -3.49
N LEU A 76 -4.53 -15.45 -3.98
CA LEU A 76 -3.07 -15.73 -3.72
C LEU A 76 -2.88 -15.82 -2.20
N PHE A 77 -3.59 -14.96 -1.38
CA PHE A 77 -3.65 -15.14 0.07
C PHE A 77 -4.17 -16.42 0.65
N ALA A 78 -5.19 -17.06 0.09
CA ALA A 78 -5.48 -18.45 0.63
C ALA A 78 -4.42 -19.51 0.25
N VAL A 79 -3.77 -19.29 -0.90
CA VAL A 79 -2.62 -20.09 -1.31
C VAL A 79 -1.44 -19.89 -0.42
N THR A 80 -1.28 -18.65 0.04
CA THR A 80 -0.33 -18.27 1.06
C THR A 80 -0.65 -18.83 2.42
N VAL A 81 -1.95 -19.08 2.78
CA VAL A 81 -2.22 -19.68 4.08
C VAL A 81 -1.73 -21.18 4.14
N GLY A 82 -2.05 -21.92 3.08
CA GLY A 82 -1.40 -23.21 2.90
C GLY A 82 0.14 -23.15 2.89
N SER A 83 0.74 -22.40 1.96
CA SER A 83 2.20 -22.09 1.87
C SER A 83 2.80 -21.68 3.22
N LEU A 84 2.08 -20.96 4.13
CA LEU A 84 2.59 -20.55 5.45
C LEU A 84 2.71 -21.67 6.41
N ILE A 85 1.69 -22.59 6.42
CA ILE A 85 1.73 -23.78 7.24
C ILE A 85 2.93 -24.69 6.77
N LEU A 86 3.12 -24.89 5.48
CA LEU A 86 4.22 -25.61 4.85
C LEU A 86 5.59 -24.92 5.08
N GLY A 87 5.76 -23.60 5.01
CA GLY A 87 7.02 -23.00 5.31
C GLY A 87 7.26 -23.03 6.80
N TYR A 88 6.26 -23.08 7.67
CA TYR A 88 6.43 -23.58 9.06
C TYR A 88 6.88 -24.99 9.22
N THR A 89 6.63 -25.86 8.24
CA THR A 89 7.11 -27.28 8.24
C THR A 89 8.36 -27.59 7.53
N ARG A 90 9.05 -26.60 6.97
CA ARG A 90 10.13 -26.84 5.95
C ARG A 90 11.07 -25.60 5.88
N SER A 91 10.50 -24.41 5.55
CA SER A 91 11.33 -23.20 5.35
C SER A 91 11.97 -22.82 6.72
N ARG A 92 11.17 -22.99 7.80
CA ARG A 92 11.56 -22.91 9.18
C ARG A 92 12.68 -23.92 9.53
N LYS A 93 13.73 -23.36 10.14
CA LYS A 93 14.84 -24.20 10.48
C LYS A 93 14.65 -25.22 11.62
N VAL A 94 14.33 -24.69 12.81
CA VAL A 94 14.24 -25.47 14.09
C VAL A 94 12.79 -25.70 14.58
N ASP A 95 12.57 -26.36 15.69
CA ASP A 95 11.30 -26.51 16.37
C ASP A 95 11.42 -26.47 17.92
N LYS A 96 10.28 -26.67 18.63
CA LYS A 96 10.10 -26.80 20.11
C LYS A 96 11.12 -27.79 20.68
N ARG A 97 11.95 -28.56 20.01
CA ARG A 97 12.95 -29.36 20.78
C ARG A 97 14.19 -28.51 21.05
N SER A 98 14.53 -27.53 20.29
CA SER A 98 15.73 -26.73 20.43
C SER A 98 15.69 -25.66 21.45
N ASP A 99 16.70 -25.53 22.28
CA ASP A 99 16.84 -24.55 23.38
C ASP A 99 16.91 -23.11 22.94
N PRO A 100 16.19 -22.17 23.69
CA PRO A 100 16.17 -20.72 23.28
C PRO A 100 17.45 -19.86 23.27
N TYR A 101 18.63 -20.36 23.67
CA TYR A 101 19.91 -19.73 23.33
C TYR A 101 20.90 -20.56 22.60
N HIS A 102 20.73 -21.90 22.68
CA HIS A 102 21.45 -22.91 21.83
C HIS A 102 21.26 -22.59 20.34
N VAL A 103 20.07 -22.13 19.87
CA VAL A 103 19.79 -21.70 18.48
C VAL A 103 20.49 -20.47 18.03
N TYR A 104 20.96 -19.67 18.96
CA TYR A 104 21.79 -18.46 18.67
C TYR A 104 23.30 -18.80 18.39
N ILE A 105 23.64 -20.09 18.60
CA ILE A 105 25.01 -20.66 18.56
C ILE A 105 25.09 -21.28 17.26
N LYS A 106 25.77 -20.58 16.27
CA LYS A 106 25.77 -21.09 14.84
C LYS A 106 26.71 -22.26 14.58
N ASN A 107 27.77 -22.36 15.34
CA ASN A 107 28.87 -23.37 15.31
C ASN A 107 28.38 -24.78 15.80
N ARG A 108 27.22 -25.30 15.39
CA ARG A 108 26.48 -26.53 15.66
C ARG A 108 25.77 -26.91 14.36
N VAL A 109 25.86 -28.20 13.96
CA VAL A 109 25.02 -28.73 12.88
C VAL A 109 23.54 -29.02 13.22
N SER A 110 22.63 -28.50 12.40
CA SER A 110 21.22 -28.64 12.58
C SER A 110 20.64 -30.06 12.94
N MET A 111 19.66 -30.20 13.86
CA MET A 111 19.14 -31.50 14.31
C MET A 111 18.07 -32.06 13.35
N ILE A 112 18.00 -33.40 13.17
CA ILE A 112 16.96 -34.03 12.31
C ILE A 112 15.49 -33.90 12.85
N MET A 10 -45.18 49.84 36.63
CA MET A 10 -44.84 48.44 37.17
C MET A 10 -44.79 48.41 38.73
N GLU A 11 -45.95 48.66 39.34
CA GLU A 11 -46.24 48.59 40.78
C GLU A 11 -47.05 47.27 41.11
N THR A 12 -46.93 46.78 42.32
CA THR A 12 -47.78 45.71 42.95
C THR A 12 -49.28 46.14 43.06
N THR A 13 -50.18 45.16 42.79
CA THR A 13 -51.59 45.42 42.68
C THR A 13 -52.52 44.26 43.02
N ASN A 14 -53.81 44.63 43.24
CA ASN A 14 -54.99 43.75 43.35
C ASN A 14 -55.97 44.06 42.21
N GLY A 15 -56.52 42.94 41.76
CA GLY A 15 -57.52 42.94 40.71
C GLY A 15 -58.49 41.77 40.86
N THR A 16 -59.09 41.44 39.68
CA THR A 16 -59.95 40.31 39.36
C THR A 16 -59.38 38.93 39.55
N GLU A 17 -60.21 37.96 39.77
CA GLU A 17 -59.73 36.57 39.80
C GLU A 17 -59.14 36.03 38.47
N THR A 18 -59.62 36.65 37.36
CA THR A 18 -59.09 36.28 36.03
C THR A 18 -57.80 36.96 35.83
N TRP A 19 -57.57 38.20 36.34
CA TRP A 19 -56.22 38.88 36.38
C TRP A 19 -55.21 38.11 37.22
N TYR A 20 -55.50 37.52 38.36
CA TYR A 20 -54.57 36.63 39.16
C TYR A 20 -54.10 35.39 38.38
N GLU A 21 -55.04 34.75 37.62
CA GLU A 21 -54.78 33.49 36.80
C GLU A 21 -54.17 33.86 35.43
N SER A 22 -54.20 35.20 35.09
CA SER A 22 -53.41 35.80 33.97
C SER A 22 -51.91 36.06 34.28
N LEU A 23 -51.69 36.59 35.51
CA LEU A 23 -50.39 36.70 36.18
C LEU A 23 -49.79 35.33 36.30
N HIS A 24 -50.50 34.41 36.91
CA HIS A 24 -50.06 33.02 37.09
C HIS A 24 -49.95 32.16 35.77
N ALA A 25 -50.61 32.59 34.73
CA ALA A 25 -50.29 31.98 33.44
C ALA A 25 -48.98 32.50 32.75
N VAL A 26 -48.81 33.83 32.68
CA VAL A 26 -47.58 34.44 32.15
C VAL A 26 -46.28 34.18 32.91
N LEU A 27 -46.42 33.98 34.19
CA LEU A 27 -45.31 33.53 35.10
C LEU A 27 -44.89 32.13 34.77
N LYS A 28 -45.83 31.18 34.53
CA LYS A 28 -45.49 29.89 34.07
C LYS A 28 -44.89 29.83 32.67
N ALA A 29 -45.27 30.71 31.72
CA ALA A 29 -44.57 30.97 30.49
C ALA A 29 -43.19 31.67 30.69
N LEU A 30 -43.12 32.64 31.56
CA LEU A 30 -41.82 33.42 31.86
C LEU A 30 -40.77 32.36 32.35
N ASN A 31 -41.19 31.41 33.17
CA ASN A 31 -40.54 30.27 33.74
C ASN A 31 -40.20 29.22 32.69
N ALA A 32 -40.94 28.95 31.63
CA ALA A 32 -40.63 27.96 30.56
C ALA A 32 -39.54 28.68 29.70
N THR A 33 -39.72 30.00 29.32
CA THR A 33 -38.61 30.81 28.80
C THR A 33 -37.35 30.69 29.61
N LEU A 34 -37.43 30.66 30.97
CA LEU A 34 -36.24 30.66 31.86
C LEU A 34 -35.72 29.23 31.90
N HIS A 35 -36.57 28.23 31.98
CA HIS A 35 -36.15 26.82 32.00
C HIS A 35 -35.41 26.42 30.66
N SER A 36 -35.81 27.00 29.59
CA SER A 36 -35.18 26.86 28.31
C SER A 36 -33.75 27.40 28.36
N ASN A 37 -33.53 28.52 28.99
CA ASN A 37 -32.23 29.18 28.96
C ASN A 37 -31.30 28.59 29.98
N LEU A 38 -31.71 27.61 30.81
CA LEU A 38 -30.69 26.93 31.80
C LEU A 38 -30.98 25.48 32.11
N LEU A 39 -32.18 25.09 32.54
CA LEU A 39 -32.39 23.84 33.16
C LEU A 39 -32.83 22.75 32.11
N CYS A 40 -33.38 23.16 31.00
CA CYS A 40 -33.50 22.35 29.81
C CYS A 40 -32.08 22.05 29.30
N ARG A 41 -31.85 20.93 28.59
CA ARG A 41 -30.60 20.39 28.02
C ARG A 41 -30.44 20.89 26.61
N PRO A 42 -29.34 21.62 26.25
CA PRO A 42 -29.21 22.15 24.89
C PRO A 42 -28.80 21.02 23.95
N GLY A 43 -29.44 20.93 22.76
CA GLY A 43 -29.15 19.95 21.71
C GLY A 43 -27.84 20.18 21.01
N PRO A 44 -27.39 19.22 20.16
CA PRO A 44 -26.11 19.27 19.43
C PRO A 44 -26.30 20.19 18.22
N GLY A 45 -25.25 20.66 17.57
CA GLY A 45 -25.25 21.31 16.19
C GLY A 45 -25.33 20.43 14.99
N LEU A 46 -25.78 21.02 13.86
CA LEU A 46 -25.86 20.42 12.54
C LEU A 46 -24.58 20.67 11.75
N GLY A 47 -24.07 19.58 11.15
CA GLY A 47 -22.75 19.61 10.48
C GLY A 47 -22.72 20.52 9.25
N PRO A 48 -21.98 21.66 9.18
CA PRO A 48 -21.87 22.48 7.96
C PRO A 48 -21.41 21.78 6.74
N ASP A 49 -22.04 22.02 5.58
CA ASP A 49 -21.69 21.32 4.29
C ASP A 49 -20.34 21.83 3.74
N ASN A 50 -19.85 22.94 4.31
CA ASN A 50 -18.52 23.45 3.96
C ASN A 50 -17.44 22.58 4.57
N GLN A 51 -17.67 21.76 5.65
CA GLN A 51 -16.62 20.98 6.28
C GLN A 51 -16.36 19.62 5.55
N THR A 52 -15.14 19.13 5.50
CA THR A 52 -14.84 17.90 4.75
C THR A 52 -13.43 17.28 5.18
N GLU A 53 -13.29 15.98 4.88
CA GLU A 53 -12.07 15.11 5.03
C GLU A 53 -11.41 14.95 3.65
N GLU A 54 -10.04 15.08 3.49
CA GLU A 54 -9.33 14.81 2.27
C GLU A 54 -8.46 13.55 2.36
N ARG A 55 -8.34 12.89 3.49
CA ARG A 55 -7.74 11.51 3.68
C ARG A 55 -8.54 10.37 3.16
N ARG A 56 -7.89 9.48 2.48
CA ARG A 56 -8.47 8.51 1.51
C ARG A 56 -7.83 7.11 1.46
N ALA A 57 -8.44 6.19 0.83
CA ALA A 57 -7.97 4.81 0.89
C ALA A 57 -6.52 4.57 0.43
N SER A 58 -5.92 3.58 1.15
CA SER A 58 -4.48 3.13 0.99
C SER A 58 -4.35 1.61 0.64
N LEU A 59 -5.45 0.97 0.18
CA LEU A 59 -5.25 -0.32 -0.46
C LEU A 59 -4.55 -0.16 -1.87
N PRO A 60 -3.39 -0.86 -2.23
CA PRO A 60 -2.73 -0.71 -3.48
C PRO A 60 -3.64 -0.88 -4.72
N GLY A 61 -3.31 -0.16 -5.81
CA GLY A 61 -4.00 -0.11 -7.05
C GLY A 61 -4.62 1.29 -7.36
N ARG A 62 -4.97 1.46 -8.67
CA ARG A 62 -5.28 2.69 -9.36
C ARG A 62 -6.43 2.59 -10.43
N ASP A 63 -6.75 1.34 -10.76
CA ASP A 63 -7.61 1.13 -11.94
C ASP A 63 -8.14 -0.36 -11.95
N ASP A 64 -8.88 -0.73 -12.98
CA ASP A 64 -9.55 -2.03 -13.06
C ASP A 64 -8.57 -3.19 -13.43
N ASN A 65 -7.47 -3.01 -14.19
CA ASN A 65 -6.32 -3.96 -14.30
C ASN A 65 -5.69 -4.24 -12.87
N SER A 66 -5.20 -3.22 -12.14
CA SER A 66 -4.65 -3.45 -10.83
C SER A 66 -5.62 -4.15 -9.87
N TYR A 67 -6.85 -3.67 -9.88
CA TYR A 67 -7.87 -4.15 -8.93
C TYR A 67 -8.35 -5.60 -9.08
N MET A 68 -8.22 -6.03 -10.33
CA MET A 68 -8.64 -7.43 -10.66
C MET A 68 -7.43 -8.36 -10.39
N TYR A 69 -6.20 -7.91 -10.66
CA TYR A 69 -5.00 -8.43 -9.91
C TYR A 69 -5.02 -8.39 -8.43
N ILE A 70 -5.64 -7.44 -7.74
CA ILE A 70 -5.79 -7.42 -6.23
C ILE A 70 -6.81 -8.54 -5.86
N LEU A 71 -7.86 -8.77 -6.67
CA LEU A 71 -8.84 -9.88 -6.43
C LEU A 71 -8.24 -11.29 -6.63
N PHE A 72 -7.39 -11.52 -7.62
CA PHE A 72 -6.38 -12.60 -7.71
C PHE A 72 -5.44 -12.75 -6.52
N VAL A 73 -5.22 -11.66 -5.79
CA VAL A 73 -4.20 -11.70 -4.73
C VAL A 73 -4.86 -11.90 -3.30
N MET A 74 -6.15 -11.60 -3.16
CA MET A 74 -7.01 -12.27 -2.11
C MET A 74 -7.13 -13.85 -2.33
N PHE A 75 -7.20 -14.32 -3.61
CA PHE A 75 -7.03 -15.75 -3.89
C PHE A 75 -5.64 -16.36 -3.60
N LEU A 76 -4.60 -15.71 -4.12
CA LEU A 76 -3.20 -16.07 -3.75
C LEU A 76 -2.87 -15.94 -2.30
N PHE A 77 -3.58 -15.07 -1.57
CA PHE A 77 -3.58 -15.13 -0.08
C PHE A 77 -4.11 -16.39 0.50
N ALA A 78 -5.32 -16.91 0.21
CA ALA A 78 -5.64 -18.19 0.78
C ALA A 78 -4.62 -19.39 0.43
N VAL A 79 -3.97 -19.28 -0.70
CA VAL A 79 -2.84 -20.24 -1.02
C VAL A 79 -1.54 -19.99 -0.28
N THR A 80 -1.18 -18.75 0.04
CA THR A 80 -0.22 -18.19 0.97
C THR A 80 -0.48 -18.60 2.39
N VAL A 81 -1.70 -18.97 2.72
CA VAL A 81 -2.05 -19.66 3.99
C VAL A 81 -1.72 -21.17 4.00
N GLY A 82 -1.89 -21.92 2.91
CA GLY A 82 -1.30 -23.26 2.68
C GLY A 82 0.26 -23.10 2.62
N SER A 83 0.81 -22.06 2.00
CA SER A 83 2.25 -21.91 1.77
C SER A 83 2.99 -21.49 3.07
N LEU A 84 2.37 -20.70 3.93
CA LEU A 84 2.89 -20.34 5.29
C LEU A 84 2.71 -21.60 6.25
N ILE A 85 1.67 -22.42 6.19
CA ILE A 85 1.62 -23.62 7.04
C ILE A 85 2.71 -24.60 6.59
N LEU A 86 2.91 -24.70 5.27
CA LEU A 86 4.03 -25.43 4.68
C LEU A 86 5.45 -24.88 5.09
N GLY A 87 5.61 -23.57 5.22
CA GLY A 87 6.81 -22.90 5.70
C GLY A 87 7.11 -23.09 7.21
N TYR A 88 6.09 -23.13 8.11
CA TYR A 88 6.29 -23.74 9.41
C TYR A 88 6.88 -25.20 9.44
N THR A 89 6.46 -25.94 8.41
CA THR A 89 7.05 -27.24 8.03
C THR A 89 8.52 -27.26 7.58
N ARG A 90 8.80 -26.42 6.61
CA ARG A 90 10.13 -26.40 5.84
C ARG A 90 10.95 -25.13 6.16
N SER A 91 10.56 -23.98 5.66
CA SER A 91 11.42 -22.76 5.69
C SER A 91 11.66 -22.07 7.08
N ARG A 92 10.87 -22.44 8.08
CA ARG A 92 11.09 -22.07 9.49
C ARG A 92 12.07 -23.12 10.14
N LYS A 93 12.48 -24.22 9.44
CA LYS A 93 13.25 -25.32 9.98
C LYS A 93 14.54 -25.64 9.24
N VAL A 94 14.58 -25.65 7.89
CA VAL A 94 15.57 -26.30 7.08
C VAL A 94 15.56 -25.67 5.64
N ASP A 95 16.63 -25.97 4.85
CA ASP A 95 16.84 -25.56 3.44
C ASP A 95 17.04 -26.69 2.37
N LYS A 96 16.34 -26.56 1.20
CA LYS A 96 16.34 -27.38 -0.05
C LYS A 96 17.62 -27.53 -0.77
N ARG A 97 18.04 -28.69 -1.22
CA ARG A 97 19.27 -28.90 -1.87
C ARG A 97 19.18 -29.66 -3.17
N SER A 98 18.04 -30.00 -3.64
CA SER A 98 17.89 -30.57 -5.03
C SER A 98 18.30 -29.73 -6.25
N ASP A 99 18.84 -30.43 -7.31
CA ASP A 99 19.40 -29.84 -8.58
C ASP A 99 18.26 -29.71 -9.65
N PRO A 100 17.52 -28.62 -9.93
CA PRO A 100 16.26 -28.58 -10.65
C PRO A 100 16.31 -29.02 -12.12
N TYR A 101 17.56 -29.22 -12.61
CA TYR A 101 17.99 -29.10 -13.98
C TYR A 101 17.58 -30.23 -14.97
N HIS A 102 17.30 -31.46 -14.51
CA HIS A 102 16.77 -32.64 -15.21
C HIS A 102 15.45 -32.31 -15.88
N VAL A 103 14.79 -31.25 -15.53
CA VAL A 103 13.57 -30.67 -16.13
C VAL A 103 13.86 -29.90 -17.42
N TYR A 104 15.06 -29.28 -17.52
CA TYR A 104 15.54 -28.47 -18.68
C TYR A 104 16.46 -29.20 -19.72
N ILE A 105 17.34 -30.06 -19.21
CA ILE A 105 18.14 -31.01 -19.98
C ILE A 105 17.76 -32.42 -19.71
N LYS A 106 17.12 -33.04 -20.69
CA LYS A 106 16.59 -34.38 -20.59
C LYS A 106 17.69 -35.37 -20.04
N ASN A 107 18.92 -35.33 -20.43
CA ASN A 107 19.91 -36.35 -20.09
C ASN A 107 20.60 -36.05 -18.74
N ARG A 108 20.28 -34.97 -18.01
CA ARG A 108 20.97 -34.72 -16.73
C ARG A 108 20.24 -35.62 -15.64
N VAL A 109 20.94 -35.93 -14.52
CA VAL A 109 20.42 -36.67 -13.38
C VAL A 109 19.89 -35.70 -12.26
N SER A 110 18.79 -36.07 -11.57
CA SER A 110 18.42 -35.36 -10.34
C SER A 110 19.51 -35.53 -9.27
N MET A 111 19.89 -34.41 -8.67
CA MET A 111 20.98 -34.35 -7.64
C MET A 111 20.51 -33.64 -6.38
N ILE A 112 21.41 -33.85 -5.43
CA ILE A 112 21.36 -33.28 -4.05
C ILE A 112 22.73 -32.85 -3.37
N MET A 10 -47.48 15.70 43.45
CA MET A 10 -46.62 16.19 44.50
C MET A 10 -45.27 16.64 44.00
N GLU A 11 -44.73 17.77 44.42
CA GLU A 11 -43.29 18.11 44.11
C GLU A 11 -42.33 17.36 44.97
N THR A 12 -41.07 17.61 44.64
CA THR A 12 -39.90 17.08 45.39
C THR A 12 -39.37 18.21 46.20
N THR A 13 -39.40 18.11 47.51
CA THR A 13 -39.09 19.29 48.45
C THR A 13 -37.55 19.56 48.53
N ASN A 14 -37.18 20.85 48.73
CA ASN A 14 -35.87 21.37 49.06
C ASN A 14 -35.21 20.79 50.31
N GLY A 15 -33.91 20.81 50.41
CA GLY A 15 -33.23 20.41 51.66
C GLY A 15 -33.22 21.43 52.78
N THR A 16 -32.38 21.25 53.77
CA THR A 16 -32.17 22.35 54.83
C THR A 16 -31.30 23.56 54.41
N GLU A 17 -31.17 24.56 55.32
CA GLU A 17 -30.35 25.72 55.13
C GLU A 17 -28.88 25.25 55.11
N THR A 18 -28.56 24.28 55.94
CA THR A 18 -27.32 23.53 55.89
C THR A 18 -27.12 22.71 54.56
N TRP A 19 -28.10 22.00 54.05
CA TRP A 19 -27.91 21.23 52.74
C TRP A 19 -27.58 22.20 51.61
N TYR A 20 -28.37 23.30 51.40
CA TYR A 20 -27.89 24.27 50.42
C TYR A 20 -26.54 24.81 50.60
N GLU A 21 -26.14 25.18 51.79
CA GLU A 21 -24.74 25.73 51.94
C GLU A 21 -23.69 24.57 51.54
N SER A 22 -24.11 23.35 51.62
CA SER A 22 -23.24 22.25 51.08
C SER A 22 -23.35 22.12 49.56
N LEU A 23 -24.58 22.44 48.94
CA LEU A 23 -24.58 22.64 47.49
C LEU A 23 -23.80 23.91 47.01
N HIS A 24 -23.86 25.02 47.74
CA HIS A 24 -23.02 26.24 47.50
C HIS A 24 -21.49 25.97 47.52
N ALA A 25 -21.03 25.18 48.47
CA ALA A 25 -19.63 24.73 48.64
C ALA A 25 -19.22 23.83 47.46
N VAL A 26 -20.03 22.89 46.89
CA VAL A 26 -19.92 22.25 45.61
C VAL A 26 -19.85 23.29 44.46
N LEU A 27 -20.84 24.16 44.30
CA LEU A 27 -20.79 25.12 43.18
C LEU A 27 -19.67 26.05 43.33
N LYS A 28 -19.18 26.31 44.56
CA LYS A 28 -17.97 27.22 44.69
C LYS A 28 -16.63 26.57 44.21
N ALA A 29 -16.43 25.29 44.59
CA ALA A 29 -15.44 24.41 43.96
C ALA A 29 -15.54 24.50 42.44
N LEU A 30 -16.70 24.08 41.91
CA LEU A 30 -17.01 24.16 40.47
C LEU A 30 -16.67 25.53 39.81
N ASN A 31 -16.89 26.65 40.43
CA ASN A 31 -16.53 28.03 40.00
C ASN A 31 -14.95 28.23 40.13
N ALA A 32 -14.29 27.49 40.99
CA ALA A 32 -12.83 27.61 41.20
C ALA A 32 -12.13 26.96 40.01
N THR A 33 -12.45 25.70 39.66
CA THR A 33 -12.16 25.02 38.39
C THR A 33 -12.52 25.84 37.15
N LEU A 34 -13.66 26.53 37.06
CA LEU A 34 -14.00 27.52 36.04
C LEU A 34 -13.00 28.64 35.90
N HIS A 35 -12.83 29.39 36.97
CA HIS A 35 -11.94 30.56 36.97
C HIS A 35 -10.51 30.16 36.70
N SER A 36 -10.09 28.98 37.20
CA SER A 36 -8.80 28.36 36.97
C SER A 36 -8.41 28.14 35.47
N ASN A 37 -9.49 27.91 34.69
CA ASN A 37 -9.45 27.76 33.21
C ASN A 37 -9.59 29.11 32.42
N LEU A 38 -10.48 29.97 33.00
CA LEU A 38 -10.62 31.30 32.46
C LEU A 38 -9.32 32.21 32.55
N LEU A 39 -8.42 31.93 33.49
CA LEU A 39 -6.98 32.41 33.43
C LEU A 39 -6.19 31.96 32.28
N CYS A 40 -6.62 30.85 31.63
CA CYS A 40 -5.84 30.20 30.68
C CYS A 40 -5.90 30.94 29.33
N ARG A 41 -4.77 30.88 28.55
CA ARG A 41 -4.96 31.39 27.10
C ARG A 41 -5.84 30.56 26.20
N PRO A 42 -6.62 31.09 25.23
CA PRO A 42 -7.34 30.31 24.19
C PRO A 42 -6.33 29.61 23.25
N GLY A 43 -6.72 28.47 22.64
CA GLY A 43 -5.86 27.62 21.77
C GLY A 43 -5.81 28.00 20.28
N PRO A 44 -5.15 27.22 19.44
CA PRO A 44 -5.18 27.41 17.94
C PRO A 44 -6.54 27.14 17.29
N GLY A 45 -6.67 27.63 16.02
CA GLY A 45 -7.91 27.68 15.35
C GLY A 45 -8.19 26.49 14.43
N LEU A 46 -9.45 26.37 13.88
CA LEU A 46 -9.73 25.57 12.66
C LEU A 46 -8.89 25.97 11.46
N GLY A 47 -9.00 25.21 10.37
CA GLY A 47 -8.50 25.65 9.06
C GLY A 47 -7.95 24.57 8.20
N PRO A 48 -7.60 24.90 7.01
CA PRO A 48 -7.07 23.92 5.96
C PRO A 48 -5.80 23.18 6.40
N ASP A 49 -4.96 23.59 7.44
CA ASP A 49 -3.63 23.01 7.91
C ASP A 49 -3.85 21.78 8.77
N ASN A 50 -5.12 21.66 9.21
CA ASN A 50 -5.47 20.56 10.08
C ASN A 50 -5.82 19.22 9.40
N GLN A 51 -5.91 19.21 8.07
CA GLN A 51 -6.31 18.06 7.32
C GLN A 51 -5.07 17.17 6.88
N THR A 52 -5.29 15.94 6.37
CA THR A 52 -4.21 14.94 5.97
C THR A 52 -4.35 14.45 4.53
N GLU A 53 -3.27 14.45 3.69
CA GLU A 53 -3.37 14.19 2.22
C GLU A 53 -3.19 12.68 1.91
N GLU A 54 -3.91 12.22 0.90
CA GLU A 54 -4.10 10.83 0.41
C GLU A 54 -2.68 10.38 -0.04
N ARG A 55 -2.29 9.22 0.43
CA ARG A 55 -1.06 8.49 -0.05
C ARG A 55 -1.34 7.28 -0.97
N ARG A 56 -0.72 7.28 -2.16
CA ARG A 56 -1.03 6.22 -3.14
C ARG A 56 0.20 5.75 -3.89
N ALA A 57 0.40 4.43 -3.85
CA ALA A 57 1.46 3.86 -4.65
C ALA A 57 1.19 3.91 -6.12
N SER A 58 2.15 4.01 -6.94
CA SER A 58 2.19 4.26 -8.39
C SER A 58 3.08 3.28 -9.08
N LEU A 59 2.75 2.00 -8.90
CA LEU A 59 3.67 0.90 -9.35
C LEU A 59 3.74 0.94 -10.87
N PRO A 60 4.91 0.65 -11.47
CA PRO A 60 5.29 1.07 -12.83
C PRO A 60 4.46 0.28 -13.82
N GLY A 61 3.47 0.91 -14.36
CA GLY A 61 2.67 0.31 -15.44
C GLY A 61 1.22 0.73 -15.33
N ARG A 62 0.46 0.82 -16.44
CA ARG A 62 -0.79 1.48 -16.46
C ARG A 62 -1.83 0.77 -17.24
N ASP A 63 -2.21 -0.32 -16.61
CA ASP A 63 -3.25 -1.23 -17.13
C ASP A 63 -4.35 -1.67 -16.05
N ASP A 64 -5.60 -1.36 -16.37
CA ASP A 64 -6.70 -1.62 -15.44
C ASP A 64 -6.99 -3.14 -15.04
N ASN A 65 -6.25 -4.13 -15.59
CA ASN A 65 -6.12 -5.48 -15.04
C ASN A 65 -5.48 -5.47 -13.64
N SER A 66 -5.03 -4.31 -13.12
CA SER A 66 -4.81 -4.23 -11.67
C SER A 66 -5.95 -4.64 -10.77
N TYR A 67 -7.30 -4.51 -11.12
CA TYR A 67 -8.34 -4.95 -10.31
C TYR A 67 -8.48 -6.47 -10.12
N MET A 68 -8.09 -7.16 -11.18
CA MET A 68 -7.87 -8.56 -11.47
C MET A 68 -6.64 -9.04 -10.66
N TYR A 69 -5.54 -8.34 -10.73
CA TYR A 69 -4.50 -8.45 -9.74
C TYR A 69 -4.97 -8.41 -8.27
N ILE A 70 -5.96 -7.50 -8.01
CA ILE A 70 -6.59 -7.34 -6.63
C ILE A 70 -7.56 -8.54 -6.32
N LEU A 71 -8.07 -9.31 -7.30
CA LEU A 71 -8.81 -10.54 -7.12
C LEU A 71 -7.82 -11.61 -6.73
N PHE A 72 -6.80 -11.71 -7.61
CA PHE A 72 -5.64 -12.59 -7.39
C PHE A 72 -4.87 -12.41 -6.10
N VAL A 73 -4.97 -11.22 -5.46
CA VAL A 73 -4.43 -10.85 -4.17
C VAL A 73 -5.22 -11.49 -3.06
N MET A 74 -6.55 -11.54 -3.17
CA MET A 74 -7.36 -12.30 -2.21
C MET A 74 -7.15 -13.77 -2.27
N PHE A 75 -6.88 -14.27 -3.50
CA PHE A 75 -6.28 -15.59 -3.57
C PHE A 75 -4.95 -15.77 -2.91
N LEU A 76 -3.96 -14.92 -3.22
CA LEU A 76 -2.77 -14.78 -2.42
C LEU A 76 -2.88 -14.74 -0.90
N PHE A 77 -3.81 -13.98 -0.40
CA PHE A 77 -4.21 -14.27 0.96
C PHE A 77 -4.50 -15.77 1.31
N ALA A 78 -5.49 -16.45 0.68
CA ALA A 78 -5.75 -17.88 0.91
C ALA A 78 -4.49 -18.80 0.79
N VAL A 79 -3.61 -18.47 -0.16
CA VAL A 79 -2.40 -19.28 -0.48
C VAL A 79 -1.28 -18.96 0.44
N THR A 80 -1.17 -17.70 0.97
CA THR A 80 -0.40 -17.45 2.20
C THR A 80 -0.87 -18.17 3.44
N VAL A 81 -2.16 -18.65 3.60
CA VAL A 81 -2.52 -19.54 4.74
C VAL A 81 -1.86 -20.96 4.59
N GLY A 82 -1.97 -21.43 3.38
CA GLY A 82 -1.26 -22.66 2.93
C GLY A 82 0.26 -22.48 3.07
N SER A 83 0.70 -21.23 2.95
CA SER A 83 2.16 -20.88 3.10
C SER A 83 2.64 -20.68 4.58
N LEU A 84 1.71 -20.69 5.58
CA LEU A 84 1.94 -21.10 6.96
C LEU A 84 2.35 -22.54 7.11
N ILE A 85 1.51 -23.43 6.47
CA ILE A 85 1.80 -24.89 6.43
C ILE A 85 3.16 -25.23 5.70
N LEU A 86 3.34 -24.78 4.46
CA LEU A 86 4.58 -24.84 3.76
C LEU A 86 5.74 -23.97 4.32
N GLY A 87 5.39 -22.96 5.13
CA GLY A 87 6.40 -22.33 5.99
C GLY A 87 7.02 -23.28 7.06
N TYR A 88 6.30 -24.34 7.49
CA TYR A 88 6.70 -25.55 8.09
C TYR A 88 7.27 -26.71 7.19
N THR A 89 6.69 -27.00 5.98
CA THR A 89 7.03 -28.16 5.15
C THR A 89 8.05 -27.96 4.01
N ARG A 90 7.67 -27.20 2.99
CA ARG A 90 8.52 -26.88 1.82
C ARG A 90 9.21 -25.44 1.86
N SER A 91 9.38 -24.75 2.99
CA SER A 91 10.09 -23.41 2.94
C SER A 91 11.59 -23.45 2.61
N ARG A 92 12.23 -24.63 2.48
CA ARG A 92 13.60 -24.66 1.90
C ARG A 92 13.84 -23.87 0.62
N LYS A 93 14.98 -23.22 0.52
CA LYS A 93 15.76 -22.92 -0.72
C LYS A 93 16.63 -24.06 -1.22
N VAL A 94 17.22 -24.92 -0.42
CA VAL A 94 18.06 -26.05 -0.80
C VAL A 94 17.33 -27.13 -1.50
N ASP A 95 17.91 -27.63 -2.57
CA ASP A 95 17.33 -28.70 -3.32
C ASP A 95 17.52 -30.16 -2.74
N LYS A 96 16.91 -31.12 -3.39
CA LYS A 96 17.02 -32.54 -3.05
C LYS A 96 18.42 -33.17 -3.39
N ARG A 97 19.37 -32.84 -2.50
CA ARG A 97 20.75 -33.39 -2.53
C ARG A 97 20.94 -34.81 -2.24
N SER A 98 20.05 -35.38 -1.43
CA SER A 98 19.94 -36.77 -1.19
C SER A 98 20.02 -37.75 -2.43
N ASP A 99 19.42 -37.29 -3.53
CA ASP A 99 19.30 -37.89 -4.87
C ASP A 99 20.18 -37.22 -5.96
N PRO A 100 20.64 -37.92 -7.11
CA PRO A 100 21.62 -37.35 -8.04
C PRO A 100 21.00 -36.41 -9.14
N TYR A 101 20.07 -35.52 -8.78
CA TYR A 101 19.50 -34.52 -9.65
C TYR A 101 20.41 -33.51 -10.38
N HIS A 102 21.51 -33.14 -9.78
CA HIS A 102 22.58 -32.38 -10.44
C HIS A 102 23.16 -33.06 -11.68
N VAL A 103 23.21 -34.32 -11.96
CA VAL A 103 23.71 -34.92 -13.16
C VAL A 103 22.73 -34.75 -14.31
N TYR A 104 21.45 -34.79 -13.95
CA TYR A 104 20.24 -34.37 -14.72
C TYR A 104 19.92 -32.86 -15.20
N ILE A 105 20.35 -31.85 -14.32
CA ILE A 105 19.99 -30.50 -14.52
C ILE A 105 20.90 -29.82 -15.56
N LYS A 106 20.34 -28.81 -16.30
CA LYS A 106 21.04 -28.01 -17.34
C LYS A 106 21.01 -26.52 -17.00
N ASN A 107 21.81 -25.69 -17.67
CA ASN A 107 21.91 -24.22 -17.39
C ASN A 107 20.72 -23.48 -18.05
N ARG A 108 20.17 -23.94 -19.18
CA ARG A 108 19.09 -23.26 -19.93
C ARG A 108 18.17 -24.22 -20.65
N VAL A 109 17.08 -23.66 -21.26
CA VAL A 109 16.38 -24.27 -22.45
C VAL A 109 17.11 -24.34 -23.82
N SER A 110 16.64 -25.26 -24.69
CA SER A 110 17.40 -25.56 -25.94
C SER A 110 16.62 -25.25 -27.17
N MET A 111 17.27 -24.98 -28.22
CA MET A 111 16.75 -24.81 -29.62
C MET A 111 16.35 -26.09 -30.38
N ILE A 112 15.48 -25.97 -31.38
CA ILE A 112 14.83 -27.12 -32.08
C ILE A 112 15.88 -27.88 -32.96
N MET A 10 6.57 24.88 -9.19
CA MET A 10 5.61 26.02 -9.10
C MET A 10 4.60 25.98 -10.27
N GLU A 11 3.27 26.15 -10.04
CA GLU A 11 2.24 25.99 -11.14
C GLU A 11 1.78 27.32 -11.79
N THR A 12 1.46 27.37 -13.11
CA THR A 12 0.62 28.39 -13.75
C THR A 12 -0.41 27.89 -14.67
N THR A 13 -1.53 28.63 -14.66
CA THR A 13 -2.75 28.47 -15.52
C THR A 13 -3.28 29.86 -15.90
N ASN A 14 -4.16 29.84 -16.94
CA ASN A 14 -5.05 30.99 -17.23
C ASN A 14 -6.04 31.23 -16.10
N GLY A 15 -6.29 32.52 -15.81
CA GLY A 15 -7.32 32.97 -14.89
C GLY A 15 -7.41 34.51 -14.92
N THR A 16 -7.99 35.15 -13.91
CA THR A 16 -8.07 36.58 -13.95
C THR A 16 -6.72 37.30 -13.69
N GLU A 17 -6.61 38.64 -13.89
CA GLU A 17 -5.36 39.27 -13.52
C GLU A 17 -5.10 39.12 -11.94
N THR A 18 -6.23 39.00 -11.11
CA THR A 18 -6.16 38.80 -9.59
C THR A 18 -5.68 37.43 -9.19
N TRP A 19 -6.03 36.43 -10.01
CA TRP A 19 -5.42 35.13 -9.96
C TRP A 19 -3.94 35.15 -10.29
N TYR A 20 -3.61 35.95 -11.30
CA TYR A 20 -2.15 36.32 -11.57
C TYR A 20 -1.38 37.06 -10.43
N GLU A 21 -2.08 37.81 -9.66
CA GLU A 21 -1.54 38.44 -8.47
C GLU A 21 -1.63 37.63 -7.17
N SER A 22 -2.37 36.56 -7.20
CA SER A 22 -2.35 35.57 -6.16
C SER A 22 -1.15 34.63 -6.45
N LEU A 23 -0.82 34.31 -7.71
CA LEU A 23 0.42 33.59 -8.00
C LEU A 23 1.64 34.42 -7.54
N HIS A 24 1.50 35.73 -7.66
CA HIS A 24 2.58 36.64 -7.34
C HIS A 24 2.90 36.58 -5.91
N ALA A 25 1.86 36.49 -5.04
CA ALA A 25 2.06 36.21 -3.61
C ALA A 25 2.76 34.86 -3.26
N VAL A 26 2.60 33.83 -4.12
CA VAL A 26 3.34 32.53 -4.03
C VAL A 26 4.80 32.64 -4.43
N LEU A 27 5.17 33.36 -5.52
CA LEU A 27 6.49 33.71 -5.88
C LEU A 27 7.22 34.57 -4.84
N LYS A 28 6.54 35.43 -4.05
CA LYS A 28 7.11 36.13 -2.90
C LYS A 28 7.55 35.27 -1.79
N ALA A 29 6.66 34.33 -1.51
CA ALA A 29 6.96 33.36 -0.42
C ALA A 29 8.11 32.50 -0.88
N LEU A 30 8.13 31.95 -2.10
CA LEU A 30 9.28 31.17 -2.61
C LEU A 30 10.57 31.95 -2.80
N ASN A 31 10.60 33.10 -3.42
CA ASN A 31 11.87 33.81 -3.63
C ASN A 31 12.52 34.27 -2.32
N ALA A 32 11.69 34.44 -1.27
CA ALA A 32 12.08 34.62 0.21
C ALA A 32 12.54 33.37 0.94
N THR A 33 11.88 32.26 0.79
CA THR A 33 12.46 30.98 1.16
C THR A 33 13.79 30.65 0.44
N LEU A 34 13.95 31.15 -0.80
CA LEU A 34 15.21 31.21 -1.52
C LEU A 34 16.11 32.28 -1.00
N HIS A 35 15.68 33.50 -0.55
CA HIS A 35 16.43 34.58 0.02
C HIS A 35 16.94 34.28 1.40
N SER A 36 16.31 33.42 2.18
CA SER A 36 16.70 33.06 3.50
C SER A 36 17.83 32.00 3.38
N ASN A 37 17.67 31.04 2.47
CA ASN A 37 18.79 30.14 2.10
C ASN A 37 20.05 30.72 1.62
N LEU A 38 19.99 31.69 0.79
CA LEU A 38 21.08 32.56 0.30
C LEU A 38 21.91 33.32 1.33
N LEU A 39 21.34 33.60 2.51
CA LEU A 39 22.04 34.20 3.70
C LEU A 39 22.28 33.15 4.82
N CYS A 40 21.52 32.05 4.89
CA CYS A 40 21.74 30.93 5.82
C CYS A 40 23.15 30.35 5.63
N ARG A 41 23.72 29.87 6.70
CA ARG A 41 25.12 29.43 7.08
C ARG A 41 25.24 27.96 6.54
N PRO A 42 26.02 27.69 5.46
CA PRO A 42 26.38 26.29 5.08
C PRO A 42 27.21 25.55 6.20
N GLY A 43 27.60 24.34 5.84
CA GLY A 43 28.42 23.59 6.76
C GLY A 43 28.87 22.36 6.11
N PRO A 44 29.96 21.73 6.66
CA PRO A 44 30.50 20.49 6.19
C PRO A 44 29.42 19.38 6.11
N GLY A 45 29.55 18.42 5.19
CA GLY A 45 28.85 17.13 5.24
C GLY A 45 29.76 15.86 5.23
N LEU A 46 29.23 14.63 5.30
CA LEU A 46 30.00 13.41 5.45
C LEU A 46 30.67 12.86 4.16
N GLY A 47 30.06 12.72 2.97
CA GLY A 47 30.74 12.42 1.73
C GLY A 47 30.43 13.22 0.41
N PRO A 48 30.82 12.72 -0.74
CA PRO A 48 30.58 13.44 -2.02
C PRO A 48 29.16 13.21 -2.65
N ASP A 49 28.71 14.00 -3.66
CA ASP A 49 27.44 13.95 -4.38
C ASP A 49 27.28 12.77 -5.35
N ASN A 50 28.35 12.00 -5.49
CA ASN A 50 28.38 10.97 -6.38
C ASN A 50 27.80 9.70 -5.77
N GLN A 51 27.74 9.69 -4.43
CA GLN A 51 26.90 8.70 -3.68
C GLN A 51 25.41 8.71 -4.26
N THR A 52 24.66 7.60 -4.09
CA THR A 52 23.25 7.46 -4.54
C THR A 52 22.22 6.90 -3.61
N GLU A 53 20.95 7.27 -3.67
CA GLU A 53 19.85 6.84 -2.72
C GLU A 53 18.55 6.85 -3.50
N GLU A 54 18.49 5.89 -4.46
CA GLU A 54 17.32 5.78 -5.35
C GLU A 54 16.16 5.08 -4.66
N ARG A 55 14.90 5.13 -5.17
CA ARG A 55 13.78 4.24 -4.75
C ARG A 55 13.90 2.86 -5.49
N ARG A 56 12.95 1.97 -5.13
CA ARG A 56 12.75 0.73 -5.92
C ARG A 56 12.43 0.93 -7.43
N ALA A 57 12.63 -0.08 -8.24
CA ALA A 57 12.54 0.01 -9.75
C ALA A 57 11.24 0.63 -10.28
N SER A 58 11.28 1.10 -11.52
CA SER A 58 10.17 1.72 -12.20
C SER A 58 10.11 1.25 -13.62
N LEU A 59 9.36 0.16 -13.89
CA LEU A 59 8.85 -0.23 -15.22
C LEU A 59 7.55 0.62 -15.56
N PRO A 60 7.52 1.29 -16.73
CA PRO A 60 6.36 2.15 -17.15
C PRO A 60 5.03 1.40 -17.19
N GLY A 61 4.01 1.82 -16.47
CA GLY A 61 2.79 1.06 -16.20
C GLY A 61 1.90 1.84 -15.27
N ARG A 62 0.64 1.91 -15.75
CA ARG A 62 -0.37 2.49 -15.01
C ARG A 62 -1.70 2.00 -15.57
N ASP A 63 -2.30 1.04 -14.94
CA ASP A 63 -3.54 0.39 -15.37
C ASP A 63 -4.36 -0.21 -14.21
N ASP A 64 -5.57 0.36 -14.09
CA ASP A 64 -6.63 0.07 -13.15
C ASP A 64 -7.14 -1.40 -13.16
N ASN A 65 -6.62 -2.29 -14.07
CA ASN A 65 -6.80 -3.76 -13.98
C ASN A 65 -5.92 -4.38 -12.84
N SER A 66 -5.02 -3.54 -12.28
CA SER A 66 -4.30 -3.74 -10.98
C SER A 66 -5.34 -4.04 -9.81
N TYR A 67 -6.59 -3.63 -10.01
CA TYR A 67 -7.67 -4.08 -9.08
C TYR A 67 -8.30 -5.50 -9.26
N MET A 68 -8.20 -6.07 -10.42
CA MET A 68 -8.38 -7.52 -10.74
C MET A 68 -7.14 -8.33 -10.25
N TYR A 69 -5.99 -7.64 -10.28
CA TYR A 69 -4.96 -8.12 -9.41
C TYR A 69 -5.36 -8.18 -7.95
N ILE A 70 -5.94 -7.19 -7.39
CA ILE A 70 -6.52 -7.25 -6.04
C ILE A 70 -7.45 -8.42 -5.77
N LEU A 71 -8.27 -8.85 -6.68
CA LEU A 71 -9.12 -10.05 -6.57
C LEU A 71 -8.35 -11.36 -6.78
N PHE A 72 -7.43 -11.44 -7.79
CA PHE A 72 -6.50 -12.62 -7.90
C PHE A 72 -5.55 -12.89 -6.72
N VAL A 73 -5.20 -11.78 -6.00
CA VAL A 73 -4.26 -11.79 -4.83
C VAL A 73 -4.94 -11.91 -3.47
N MET A 74 -6.29 -11.72 -3.41
CA MET A 74 -7.19 -12.36 -2.37
C MET A 74 -7.16 -13.91 -2.57
N PHE A 75 -7.13 -14.30 -3.84
CA PHE A 75 -6.91 -15.73 -4.09
C PHE A 75 -5.50 -16.25 -3.76
N LEU A 76 -4.44 -15.53 -4.11
CA LEU A 76 -3.08 -15.91 -3.65
C LEU A 76 -2.84 -15.76 -2.18
N PHE A 77 -3.56 -14.86 -1.57
CA PHE A 77 -3.78 -14.87 -0.12
C PHE A 77 -4.09 -16.16 0.54
N ALA A 78 -5.20 -16.86 0.17
CA ALA A 78 -5.52 -18.09 0.89
C ALA A 78 -4.50 -19.22 0.54
N VAL A 79 -3.83 -19.23 -0.62
CA VAL A 79 -2.86 -20.19 -1.12
C VAL A 79 -1.53 -19.93 -0.31
N THR A 80 -1.23 -18.64 -0.06
CA THR A 80 -0.21 -18.26 0.86
C THR A 80 -0.53 -18.68 2.32
N VAL A 81 -1.76 -18.65 2.82
CA VAL A 81 -2.05 -19.29 4.09
C VAL A 81 -1.59 -20.76 4.15
N GLY A 82 -1.97 -21.56 3.19
CA GLY A 82 -1.45 -22.93 3.19
C GLY A 82 0.02 -23.03 2.92
N SER A 83 0.68 -22.03 2.30
CA SER A 83 2.15 -21.91 1.98
C SER A 83 2.90 -21.63 3.32
N LEU A 84 2.27 -20.79 4.14
CA LEU A 84 2.80 -20.49 5.48
C LEU A 84 2.83 -21.68 6.49
N ILE A 85 1.87 -22.54 6.40
CA ILE A 85 1.79 -23.85 7.07
C ILE A 85 2.90 -24.72 6.47
N LEU A 86 3.08 -24.81 5.14
CA LEU A 86 4.25 -25.56 4.52
C LEU A 86 5.54 -24.85 4.88
N GLY A 87 5.51 -23.61 5.18
CA GLY A 87 6.58 -22.81 5.60
C GLY A 87 6.93 -23.16 7.05
N TYR A 88 6.04 -23.38 8.01
CA TYR A 88 6.34 -24.00 9.29
C TYR A 88 7.12 -25.35 9.17
N THR A 89 6.86 -26.27 8.30
CA THR A 89 7.52 -27.54 7.97
C THR A 89 8.88 -27.32 7.22
N ARG A 90 9.09 -26.23 6.45
CA ARG A 90 10.21 -26.13 5.47
C ARG A 90 10.99 -24.78 5.45
N SER A 91 10.31 -23.60 5.34
CA SER A 91 11.03 -22.37 5.35
C SER A 91 11.64 -22.11 6.77
N ARG A 92 10.98 -22.45 7.90
CA ARG A 92 11.61 -22.42 9.27
C ARG A 92 12.84 -23.26 9.10
N LYS A 93 14.00 -22.89 9.66
CA LYS A 93 15.30 -23.63 9.71
C LYS A 93 15.29 -24.85 10.66
N VAL A 94 14.24 -25.13 11.36
CA VAL A 94 13.98 -26.34 12.14
C VAL A 94 12.61 -26.93 11.90
N ASP A 95 12.47 -28.24 12.09
CA ASP A 95 11.23 -29.02 11.75
C ASP A 95 11.10 -30.23 12.67
N LYS A 96 9.87 -30.88 12.63
CA LYS A 96 9.59 -32.19 13.13
C LYS A 96 8.76 -32.96 12.12
N ARG A 97 9.35 -33.34 11.01
CA ARG A 97 8.69 -33.76 9.75
C ARG A 97 7.87 -35.02 9.95
N SER A 98 8.51 -36.11 10.42
CA SER A 98 7.83 -37.30 10.95
C SER A 98 7.17 -37.04 12.31
N ASP A 99 5.98 -37.60 12.43
CA ASP A 99 5.43 -38.13 13.71
C ASP A 99 4.52 -39.46 13.69
N PRO A 100 4.40 -40.19 14.79
CA PRO A 100 3.68 -41.53 14.83
C PRO A 100 2.24 -41.51 14.35
N TYR A 101 1.57 -40.39 14.53
CA TYR A 101 0.24 -40.08 13.99
C TYR A 101 0.13 -40.10 12.53
N HIS A 102 1.22 -39.99 11.79
CA HIS A 102 1.23 -40.39 10.34
C HIS A 102 1.83 -41.80 10.19
N VAL A 103 3.03 -42.07 10.81
CA VAL A 103 3.84 -43.31 10.47
C VAL A 103 3.17 -44.55 10.82
N TYR A 104 2.43 -44.62 11.92
CA TYR A 104 1.53 -45.76 12.10
C TYR A 104 0.42 -46.05 11.08
N ILE A 105 0.09 -45.10 10.18
CA ILE A 105 -1.04 -45.40 9.21
C ILE A 105 -0.65 -46.42 8.14
N LYS A 106 -1.20 -47.61 8.22
CA LYS A 106 -1.12 -48.70 7.20
C LYS A 106 -1.73 -48.40 5.89
N ASN A 107 -2.95 -47.75 5.85
CA ASN A 107 -3.65 -47.45 4.69
C ASN A 107 -2.89 -46.52 3.69
N ARG A 108 -1.74 -45.90 4.03
CA ARG A 108 -1.10 -44.76 3.32
C ARG A 108 -0.30 -45.25 2.17
N VAL A 109 -0.58 -44.66 1.03
CA VAL A 109 0.11 -44.95 -0.20
C VAL A 109 1.23 -43.90 -0.49
N SER A 110 0.98 -42.69 -0.13
CA SER A 110 1.94 -41.53 -0.41
C SER A 110 3.11 -41.37 0.57
N MET A 111 4.10 -40.60 0.14
CA MET A 111 5.30 -40.31 0.97
C MET A 111 4.97 -39.18 1.98
N ILE A 112 5.50 -39.31 3.16
CA ILE A 112 5.67 -38.31 4.27
C ILE A 112 6.86 -37.30 4.02
N MET A 10 -41.97 62.09 -9.25
CA MET A 10 -42.60 60.85 -9.51
C MET A 10 -41.56 59.69 -9.51
N GLU A 11 -42.00 58.43 -9.11
CA GLU A 11 -41.31 57.15 -9.34
C GLU A 11 -41.74 56.61 -10.72
N THR A 12 -40.74 56.08 -11.35
CA THR A 12 -40.75 55.23 -12.63
C THR A 12 -40.48 53.71 -12.19
N THR A 13 -41.13 52.81 -12.86
CA THR A 13 -40.97 51.37 -12.81
C THR A 13 -41.32 50.59 -14.14
N ASN A 14 -40.58 49.53 -14.43
CA ASN A 14 -40.66 48.79 -15.69
C ASN A 14 -41.86 47.85 -15.70
N GLY A 15 -42.19 47.35 -16.86
CA GLY A 15 -43.35 46.54 -17.19
C GLY A 15 -43.18 45.19 -16.53
N THR A 16 -44.13 44.84 -15.69
CA THR A 16 -44.02 43.65 -14.81
C THR A 16 -44.02 42.31 -15.62
N GLU A 17 -44.50 42.25 -16.86
CA GLU A 17 -44.41 41.15 -17.80
C GLU A 17 -42.91 40.88 -18.22
N THR A 18 -42.01 41.89 -18.19
CA THR A 18 -40.61 41.76 -18.35
C THR A 18 -39.97 41.15 -17.12
N TRP A 19 -40.38 41.56 -15.87
CA TRP A 19 -39.85 40.93 -14.66
C TRP A 19 -40.34 39.52 -14.56
N TYR A 20 -41.52 39.14 -15.03
CA TYR A 20 -41.86 37.77 -15.21
C TYR A 20 -40.82 36.86 -15.92
N GLU A 21 -40.12 37.42 -16.90
CA GLU A 21 -39.01 36.60 -17.61
C GLU A 21 -37.74 36.40 -16.70
N SER A 22 -37.49 37.31 -15.79
CA SER A 22 -36.39 37.26 -14.81
C SER A 22 -36.83 36.39 -13.60
N LEU A 23 -38.09 36.52 -13.17
CA LEU A 23 -38.77 35.54 -12.24
C LEU A 23 -38.79 34.11 -12.77
N HIS A 24 -38.73 33.89 -14.11
CA HIS A 24 -38.71 32.49 -14.72
C HIS A 24 -37.29 32.01 -14.91
N ALA A 25 -36.34 32.93 -15.25
CA ALA A 25 -34.94 32.66 -15.01
C ALA A 25 -34.66 32.20 -13.53
N VAL A 26 -35.20 32.93 -12.55
CA VAL A 26 -35.04 32.58 -11.14
C VAL A 26 -35.68 31.25 -10.78
N LEU A 27 -36.80 30.84 -11.40
CA LEU A 27 -37.43 29.52 -11.27
C LEU A 27 -36.49 28.41 -11.84
N LYS A 28 -35.84 28.68 -12.97
CA LYS A 28 -34.89 27.72 -13.61
C LYS A 28 -33.55 27.56 -12.81
N ALA A 29 -33.14 28.66 -12.11
CA ALA A 29 -31.98 28.59 -11.19
C ALA A 29 -32.17 27.96 -9.78
N LEU A 30 -33.42 28.03 -9.32
CA LEU A 30 -33.88 27.27 -8.23
C LEU A 30 -33.95 25.76 -8.64
N ASN A 31 -34.62 25.39 -9.74
CA ASN A 31 -34.55 23.96 -10.18
C ASN A 31 -33.15 23.37 -10.55
N ALA A 32 -32.14 24.26 -10.88
CA ALA A 32 -30.75 23.76 -11.24
C ALA A 32 -29.73 23.68 -10.03
N THR A 33 -29.94 24.50 -8.95
CA THR A 33 -29.27 24.36 -7.67
C THR A 33 -30.02 23.77 -6.46
N LEU A 34 -31.35 23.71 -6.51
CA LEU A 34 -32.11 22.94 -5.49
C LEU A 34 -31.74 21.43 -5.52
N HIS A 35 -31.27 21.01 -6.75
CA HIS A 35 -30.85 19.64 -7.22
C HIS A 35 -29.39 19.55 -7.73
N SER A 36 -28.42 20.33 -7.18
CA SER A 36 -27.02 20.22 -7.49
C SER A 36 -26.32 18.93 -7.17
N ASN A 37 -26.81 18.21 -6.11
CA ASN A 37 -26.46 16.82 -5.83
C ASN A 37 -26.50 15.91 -7.06
N LEU A 38 -27.23 16.22 -8.12
CA LEU A 38 -27.41 15.23 -9.21
C LEU A 38 -26.17 15.21 -10.13
N LEU A 39 -25.71 16.37 -10.72
CA LEU A 39 -24.66 16.36 -11.74
C LEU A 39 -23.57 17.49 -11.46
N CYS A 40 -23.61 18.22 -10.36
CA CYS A 40 -22.71 19.27 -9.84
C CYS A 40 -22.16 18.94 -8.51
N ARG A 41 -21.97 17.66 -8.12
CA ARG A 41 -21.17 17.35 -6.91
C ARG A 41 -19.64 17.31 -7.15
N PRO A 42 -18.91 17.86 -6.18
CA PRO A 42 -17.42 17.76 -6.09
C PRO A 42 -16.79 16.33 -6.18
N GLY A 43 -15.53 16.28 -6.65
CA GLY A 43 -14.77 15.05 -6.79
C GLY A 43 -13.74 14.76 -5.67
N PRO A 44 -13.24 13.51 -5.63
CA PRO A 44 -12.21 13.07 -4.65
C PRO A 44 -10.86 13.80 -4.87
N GLY A 45 -10.08 14.07 -3.77
CA GLY A 45 -8.69 14.46 -3.87
C GLY A 45 -8.02 14.83 -2.57
N LEU A 46 -6.81 15.31 -2.67
CA LEU A 46 -6.19 15.99 -1.65
C LEU A 46 -6.72 17.37 -1.25
N GLY A 47 -7.54 18.04 -2.05
CA GLY A 47 -7.87 19.46 -1.72
C GLY A 47 -8.90 19.73 -0.57
N PRO A 48 -9.22 20.99 -0.28
CA PRO A 48 -10.11 21.36 0.86
C PRO A 48 -11.66 21.03 0.74
N ASP A 49 -12.39 20.84 1.88
CA ASP A 49 -13.73 20.36 1.94
C ASP A 49 -14.83 21.19 1.32
N ASN A 50 -14.69 22.48 1.23
CA ASN A 50 -15.59 23.41 0.57
C ASN A 50 -15.81 23.14 -0.97
N GLN A 51 -14.97 22.39 -1.66
CA GLN A 51 -15.10 22.04 -3.10
C GLN A 51 -14.46 20.68 -3.42
N THR A 52 -14.26 19.79 -2.44
CA THR A 52 -13.65 18.44 -2.45
C THR A 52 -14.27 17.32 -1.64
N GLU A 53 -14.16 16.06 -2.13
CA GLU A 53 -14.46 14.87 -1.36
C GLU A 53 -13.07 14.18 -0.99
N GLU A 54 -13.04 13.25 -0.07
CA GLU A 54 -11.81 12.55 0.36
C GLU A 54 -11.51 11.44 -0.63
N ARG A 55 -10.18 11.28 -0.95
CA ARG A 55 -9.74 10.21 -1.85
C ARG A 55 -9.52 8.87 -1.15
N ARG A 56 -9.53 7.83 -1.94
CA ARG A 56 -9.15 6.50 -1.56
C ARG A 56 -7.72 6.46 -1.22
N ALA A 57 -7.19 5.97 -0.10
CA ALA A 57 -5.84 6.18 0.37
C ALA A 57 -4.82 5.42 -0.56
N SER A 58 -3.50 5.61 -0.36
CA SER A 58 -2.30 5.20 -1.16
C SER A 58 -1.86 3.72 -1.02
N LEU A 59 -2.95 2.95 -1.17
CA LEU A 59 -3.02 1.51 -0.97
C LEU A 59 -2.52 0.87 -2.26
N PRO A 60 -1.53 -0.03 -2.27
CA PRO A 60 -0.93 -0.49 -3.55
C PRO A 60 -1.81 -1.55 -4.20
N GLY A 61 -2.39 -1.35 -5.31
CA GLY A 61 -3.34 -2.31 -6.04
C GLY A 61 -4.69 -1.65 -6.21
N ARG A 62 -4.66 -0.41 -6.78
CA ARG A 62 -5.84 0.50 -6.75
C ARG A 62 -6.48 0.90 -8.07
N ASP A 63 -5.66 1.15 -9.11
CA ASP A 63 -6.04 1.35 -10.47
C ASP A 63 -6.68 0.14 -11.13
N ASP A 64 -7.59 0.34 -12.09
CA ASP A 64 -8.54 -0.69 -12.44
C ASP A 64 -8.04 -2.05 -12.97
N ASN A 65 -6.88 -2.05 -13.67
CA ASN A 65 -6.10 -3.27 -13.96
C ASN A 65 -5.50 -3.96 -12.67
N SER A 66 -4.98 -3.18 -11.78
CA SER A 66 -4.25 -3.50 -10.51
C SER A 66 -5.24 -4.02 -9.49
N TYR A 67 -6.47 -3.53 -9.47
CA TYR A 67 -7.51 -4.07 -8.56
C TYR A 67 -7.85 -5.51 -8.90
N MET A 68 -7.83 -5.89 -10.19
CA MET A 68 -8.14 -7.24 -10.65
C MET A 68 -6.99 -8.18 -10.26
N TYR A 69 -5.72 -7.65 -10.37
CA TYR A 69 -4.55 -8.25 -9.64
C TYR A 69 -4.85 -8.33 -8.14
N ILE A 70 -5.48 -7.44 -7.41
CA ILE A 70 -5.87 -7.62 -5.99
C ILE A 70 -7.02 -8.63 -5.78
N LEU A 71 -7.97 -8.87 -6.73
CA LEU A 71 -8.84 -9.98 -6.62
C LEU A 71 -8.08 -11.38 -6.71
N PHE A 72 -7.09 -11.42 -7.57
CA PHE A 72 -5.99 -12.43 -7.57
C PHE A 72 -5.15 -12.44 -6.32
N VAL A 73 -4.95 -11.34 -5.54
CA VAL A 73 -4.10 -11.32 -4.30
C VAL A 73 -4.92 -11.98 -3.16
N MET A 74 -6.29 -11.73 -3.10
CA MET A 74 -7.21 -12.32 -2.09
C MET A 74 -7.30 -13.86 -2.30
N PHE A 75 -7.46 -14.29 -3.55
CA PHE A 75 -7.27 -15.70 -3.88
C PHE A 75 -5.98 -16.39 -3.54
N LEU A 76 -4.85 -15.76 -3.90
CA LEU A 76 -3.50 -16.37 -3.63
C LEU A 76 -3.22 -16.19 -2.11
N PHE A 77 -3.92 -15.26 -1.41
CA PHE A 77 -3.93 -15.38 0.03
C PHE A 77 -4.41 -16.75 0.59
N ALA A 78 -5.54 -17.25 0.12
CA ALA A 78 -6.00 -18.62 0.49
C ALA A 78 -4.92 -19.72 0.33
N VAL A 79 -4.31 -19.74 -0.80
CA VAL A 79 -3.26 -20.73 -1.23
C VAL A 79 -1.96 -20.52 -0.46
N THR A 80 -1.59 -19.21 -0.35
CA THR A 80 -0.50 -18.79 0.56
C THR A 80 -0.82 -19.20 1.98
N VAL A 81 -1.99 -19.27 2.50
CA VAL A 81 -2.28 -19.67 3.90
C VAL A 81 -1.81 -21.16 4.12
N GLY A 82 -2.27 -22.05 3.23
CA GLY A 82 -1.57 -23.39 3.10
C GLY A 82 -0.03 -23.37 3.05
N SER A 83 0.50 -22.73 1.99
CA SER A 83 1.94 -22.86 1.70
C SER A 83 2.88 -22.09 2.65
N LEU A 84 2.34 -21.03 3.32
CA LEU A 84 3.08 -20.46 4.41
C LEU A 84 2.98 -21.24 5.70
N ILE A 85 1.88 -21.98 5.93
CA ILE A 85 1.74 -22.93 7.06
C ILE A 85 2.83 -24.03 6.84
N LEU A 86 2.90 -24.73 5.68
CA LEU A 86 3.89 -25.75 5.40
C LEU A 86 5.34 -25.27 5.19
N GLY A 87 5.43 -24.00 4.80
CA GLY A 87 6.63 -23.13 4.80
C GLY A 87 7.17 -22.81 6.19
N TYR A 88 6.34 -22.46 7.10
CA TYR A 88 6.83 -22.36 8.43
C TYR A 88 7.42 -23.62 9.13
N THR A 89 6.89 -24.73 8.68
CA THR A 89 7.39 -26.09 8.83
C THR A 89 8.71 -26.46 8.16
N ARG A 90 9.29 -25.56 7.28
CA ARG A 90 10.43 -25.73 6.43
C ARG A 90 11.43 -24.54 6.59
N SER A 91 11.06 -23.27 6.44
CA SER A 91 11.90 -22.09 6.54
C SER A 91 12.55 -22.10 7.90
N ARG A 92 11.73 -22.40 8.96
CA ARG A 92 12.26 -22.93 10.25
C ARG A 92 12.76 -24.37 10.12
N LYS A 93 14.01 -24.68 10.52
CA LYS A 93 14.72 -25.94 10.33
C LYS A 93 14.23 -27.23 11.02
N VAL A 94 13.52 -27.13 12.11
CA VAL A 94 13.32 -28.28 13.05
C VAL A 94 12.22 -29.28 12.72
N ASP A 95 12.51 -30.56 12.91
CA ASP A 95 11.59 -31.74 12.87
C ASP A 95 10.92 -31.91 14.16
N LYS A 96 9.94 -32.80 14.27
CA LYS A 96 9.33 -33.10 15.56
C LYS A 96 10.23 -34.06 16.39
N ARG A 97 10.55 -33.62 17.55
CA ARG A 97 11.34 -34.39 18.62
C ARG A 97 10.97 -33.93 20.03
N SER A 98 10.63 -32.69 20.17
CA SER A 98 10.17 -32.08 21.45
C SER A 98 8.74 -32.40 21.83
N ASP A 99 8.59 -32.60 23.14
CA ASP A 99 7.36 -32.94 23.80
C ASP A 99 6.15 -32.03 23.35
N PRO A 100 4.91 -32.65 23.19
CA PRO A 100 3.82 -31.78 22.62
C PRO A 100 3.39 -30.59 23.53
N TYR A 101 3.63 -30.62 24.84
CA TYR A 101 3.07 -29.73 25.86
C TYR A 101 4.06 -29.01 26.76
N HIS A 102 5.34 -29.30 26.53
CA HIS A 102 6.38 -28.63 27.20
C HIS A 102 6.28 -27.07 27.17
N VAL A 103 5.79 -26.46 26.00
CA VAL A 103 5.66 -25.03 25.95
C VAL A 103 4.55 -24.50 26.93
N TYR A 104 3.58 -25.41 27.29
CA TYR A 104 2.38 -25.14 28.16
C TYR A 104 2.54 -25.29 29.62
N ILE A 105 3.46 -26.18 30.00
CA ILE A 105 3.86 -26.45 31.35
C ILE A 105 5.38 -26.82 31.45
N LYS A 106 6.22 -26.09 32.20
CA LYS A 106 7.65 -26.18 32.30
C LYS A 106 8.07 -27.51 32.83
N ASN A 107 7.41 -28.13 33.79
CA ASN A 107 7.87 -29.39 34.40
C ASN A 107 7.87 -30.65 33.48
N ARG A 108 8.00 -30.54 32.14
CA ARG A 108 8.13 -31.67 31.22
C ARG A 108 9.46 -31.74 30.51
N VAL A 109 10.07 -32.89 30.48
CA VAL A 109 11.37 -33.27 29.96
C VAL A 109 11.16 -33.57 28.50
N SER A 110 11.93 -32.83 27.66
CA SER A 110 11.77 -32.78 26.17
C SER A 110 13.00 -33.16 25.30
N MET A 111 12.93 -33.89 24.19
CA MET A 111 14.06 -34.28 23.38
C MET A 111 14.64 -33.10 22.61
N ILE A 112 15.95 -33.07 22.44
CA ILE A 112 16.79 -32.01 21.87
C ILE A 112 17.27 -32.50 20.51
N MET A 10 60.21 21.79 -42.16
CA MET A 10 59.25 22.28 -41.15
C MET A 10 58.60 21.09 -40.38
N GLU A 11 58.45 21.20 -39.10
CA GLU A 11 57.70 20.32 -38.26
C GLU A 11 56.21 20.56 -38.20
N THR A 12 55.37 19.57 -38.03
CA THR A 12 53.90 19.77 -37.93
C THR A 12 53.38 20.28 -36.61
N THR A 13 54.05 20.06 -35.47
CA THR A 13 53.53 20.40 -34.08
C THR A 13 53.64 21.92 -33.80
N ASN A 14 52.63 22.64 -34.38
CA ASN A 14 52.57 24.10 -34.41
C ASN A 14 51.13 24.61 -34.41
N GLY A 15 50.99 25.95 -34.29
CA GLY A 15 49.70 26.65 -34.21
C GLY A 15 49.62 27.85 -35.14
N THR A 16 48.53 28.64 -35.18
CA THR A 16 48.31 29.87 -36.00
C THR A 16 47.97 31.17 -35.19
N GLU A 17 48.09 32.38 -35.76
CA GLU A 17 47.63 33.59 -35.07
C GLU A 17 46.10 33.59 -35.00
N THR A 18 45.43 33.20 -36.10
CA THR A 18 43.96 33.00 -36.10
C THR A 18 43.35 31.98 -35.14
N TRP A 19 43.95 30.77 -34.94
CA TRP A 19 43.76 29.86 -33.80
C TRP A 19 43.90 30.47 -32.42
N TYR A 20 45.01 31.28 -32.22
CA TYR A 20 45.17 32.03 -31.02
C TYR A 20 44.06 33.03 -30.74
N GLU A 21 43.66 33.76 -31.73
CA GLU A 21 42.62 34.82 -31.60
C GLU A 21 41.19 34.13 -31.39
N SER A 22 40.96 32.98 -32.00
CA SER A 22 39.84 32.13 -31.72
C SER A 22 39.84 31.51 -30.30
N LEU A 23 40.99 31.04 -29.79
CA LEU A 23 41.03 30.40 -28.46
C LEU A 23 40.87 31.53 -27.40
N HIS A 24 41.34 32.79 -27.75
CA HIS A 24 41.04 34.10 -27.08
C HIS A 24 39.55 34.38 -27.04
N ALA A 25 38.83 34.41 -28.21
CA ALA A 25 37.42 34.72 -28.35
C ALA A 25 36.58 33.66 -27.60
N VAL A 26 36.80 32.35 -27.69
CA VAL A 26 35.99 31.39 -26.91
C VAL A 26 36.27 31.39 -25.42
N LEU A 27 37.39 31.88 -24.91
CA LEU A 27 37.65 32.12 -23.50
C LEU A 27 37.14 33.47 -22.94
N LYS A 28 37.25 34.61 -23.68
CA LYS A 28 36.50 35.91 -23.37
C LYS A 28 34.97 35.54 -23.25
N ALA A 29 34.42 34.79 -24.17
CA ALA A 29 33.01 34.51 -24.32
C ALA A 29 32.43 33.67 -23.24
N LEU A 30 33.19 32.60 -22.93
CA LEU A 30 32.95 31.69 -21.78
C LEU A 30 32.83 32.51 -20.51
N ASN A 31 33.86 33.30 -20.26
CA ASN A 31 33.87 34.24 -19.12
C ASN A 31 32.76 35.31 -19.19
N ALA A 32 32.29 35.78 -20.41
CA ALA A 32 31.12 36.68 -20.49
C ALA A 32 29.79 36.07 -20.26
N THR A 33 29.72 34.77 -20.66
CA THR A 33 28.80 33.70 -20.18
C THR A 33 28.82 33.57 -18.66
N LEU A 34 30.05 33.64 -18.05
CA LEU A 34 30.19 33.57 -16.61
C LEU A 34 29.61 34.84 -15.88
N HIS A 35 29.84 36.04 -16.45
CA HIS A 35 29.42 37.31 -15.83
C HIS A 35 27.91 37.37 -15.75
N SER A 36 27.22 37.08 -16.85
CA SER A 36 25.78 37.14 -16.92
C SER A 36 25.15 36.26 -15.87
N ASN A 37 25.73 35.06 -15.77
CA ASN A 37 25.31 34.18 -14.73
C ASN A 37 25.63 34.64 -13.33
N LEU A 38 26.82 35.24 -13.07
CA LEU A 38 26.99 36.00 -11.83
C LEU A 38 26.10 37.27 -11.58
N LEU A 39 25.50 37.87 -12.60
CA LEU A 39 24.50 38.99 -12.50
C LEU A 39 23.03 38.44 -12.46
N CYS A 40 22.81 37.15 -12.18
CA CYS A 40 21.51 36.52 -12.19
C CYS A 40 20.58 36.82 -10.95
N ARG A 41 19.32 37.28 -11.17
CA ARG A 41 18.42 37.78 -10.18
C ARG A 41 17.00 37.32 -10.40
N PRO A 42 16.17 37.11 -9.36
CA PRO A 42 14.86 36.61 -9.60
C PRO A 42 13.93 37.71 -10.17
N GLY A 43 12.72 37.40 -10.66
CA GLY A 43 11.52 38.31 -10.92
C GLY A 43 10.35 38.21 -9.83
N PRO A 44 9.23 38.82 -10.09
CA PRO A 44 7.97 38.71 -9.33
C PRO A 44 7.42 37.26 -9.37
N GLY A 45 6.55 37.01 -8.41
CA GLY A 45 5.81 35.79 -8.16
C GLY A 45 4.34 35.89 -8.52
N LEU A 46 3.68 34.70 -8.71
CA LEU A 46 2.12 34.65 -8.66
C LEU A 46 1.40 35.06 -7.34
N GLY A 47 0.10 35.44 -7.41
CA GLY A 47 -0.75 35.89 -6.30
C GLY A 47 -1.07 34.91 -5.24
N PRO A 48 -1.67 35.38 -4.13
CA PRO A 48 -1.93 34.53 -2.93
C PRO A 48 -2.70 33.26 -3.26
N ASP A 49 -2.58 32.30 -2.36
CA ASP A 49 -3.16 30.95 -2.38
C ASP A 49 -4.65 30.80 -2.28
N ASN A 50 -5.32 31.81 -1.78
CA ASN A 50 -6.77 32.11 -1.62
C ASN A 50 -7.49 32.57 -2.88
N GLN A 51 -6.76 32.70 -4.00
CA GLN A 51 -7.23 32.99 -5.38
C GLN A 51 -6.45 32.38 -6.46
N THR A 52 -5.31 31.68 -6.17
CA THR A 52 -4.38 31.10 -7.15
C THR A 52 -4.14 29.58 -6.90
N GLU A 53 -4.18 28.72 -7.93
CA GLU A 53 -4.18 27.23 -7.76
C GLU A 53 -2.74 26.60 -7.44
N GLU A 54 -2.29 26.60 -6.16
CA GLU A 54 -0.98 26.07 -5.72
C GLU A 54 -0.84 24.59 -6.09
N ARG A 55 0.44 24.10 -6.11
CA ARG A 55 0.88 22.79 -6.54
C ARG A 55 1.33 22.00 -5.28
N ARG A 56 1.30 20.64 -5.29
CA ARG A 56 2.21 19.66 -4.53
C ARG A 56 1.90 18.21 -4.99
N ALA A 57 2.80 17.29 -4.62
CA ALA A 57 2.75 15.92 -4.92
C ALA A 57 1.68 15.27 -4.08
N SER A 58 1.19 14.13 -4.56
CA SER A 58 0.32 13.15 -3.85
C SER A 58 0.22 11.69 -4.36
N LEU A 59 0.64 11.36 -5.57
CA LEU A 59 0.71 10.14 -6.29
C LEU A 59 -0.57 9.22 -6.46
N PRO A 60 -1.81 9.74 -6.72
CA PRO A 60 -2.92 8.87 -6.91
C PRO A 60 -3.01 8.05 -8.22
N GLY A 61 -3.89 7.07 -8.35
CA GLY A 61 -4.34 6.66 -9.69
C GLY A 61 -5.39 5.51 -9.72
N ARG A 62 -5.95 5.20 -10.87
CA ARG A 62 -7.00 4.23 -10.95
C ARG A 62 -6.64 3.27 -12.08
N ASP A 63 -6.88 1.96 -11.85
CA ASP A 63 -6.62 0.92 -12.79
C ASP A 63 -7.40 -0.33 -12.40
N ASP A 64 -8.26 -0.72 -13.32
CA ASP A 64 -9.18 -1.93 -13.25
C ASP A 64 -8.42 -3.28 -13.52
N ASN A 65 -7.16 -3.21 -13.96
CA ASN A 65 -6.26 -4.39 -14.13
C ASN A 65 -5.59 -4.66 -12.73
N SER A 66 -5.22 -3.63 -11.96
CA SER A 66 -4.68 -3.64 -10.64
C SER A 66 -5.76 -4.09 -9.69
N TYR A 67 -7.03 -3.61 -9.87
CA TYR A 67 -8.19 -4.20 -9.08
C TYR A 67 -8.43 -5.67 -9.44
N MET A 68 -8.29 -6.13 -10.64
CA MET A 68 -8.39 -7.49 -11.10
C MET A 68 -7.20 -8.32 -10.56
N TYR A 69 -5.98 -7.69 -10.47
CA TYR A 69 -4.84 -8.34 -9.81
C TYR A 69 -4.95 -8.40 -8.31
N ILE A 70 -5.85 -7.57 -7.78
CA ILE A 70 -6.22 -7.70 -6.35
C ILE A 70 -7.24 -8.75 -6.04
N LEU A 71 -8.08 -9.08 -6.98
CA LEU A 71 -9.01 -10.23 -6.94
C LEU A 71 -8.21 -11.53 -6.84
N PHE A 72 -7.27 -11.68 -7.73
CA PHE A 72 -6.07 -12.59 -7.69
C PHE A 72 -5.16 -12.54 -6.49
N VAL A 73 -5.09 -11.40 -5.80
CA VAL A 73 -4.50 -11.40 -4.44
C VAL A 73 -5.29 -11.90 -3.30
N MET A 74 -6.64 -11.76 -3.28
CA MET A 74 -7.38 -12.40 -2.22
C MET A 74 -7.37 -13.96 -2.36
N PHE A 75 -7.18 -14.39 -3.63
CA PHE A 75 -6.77 -15.75 -4.02
C PHE A 75 -5.43 -16.21 -3.51
N LEU A 76 -4.38 -15.62 -4.10
CA LEU A 76 -3.01 -15.80 -3.70
C LEU A 76 -2.72 -15.71 -2.16
N PHE A 77 -3.49 -14.89 -1.55
CA PHE A 77 -3.55 -14.81 -0.10
C PHE A 77 -3.92 -16.18 0.64
N ALA A 78 -5.01 -16.80 0.37
CA ALA A 78 -5.27 -18.11 0.92
C ALA A 78 -4.20 -19.19 0.56
N VAL A 79 -3.59 -19.00 -0.56
CA VAL A 79 -2.50 -19.88 -1.01
C VAL A 79 -1.30 -19.58 -0.13
N THR A 80 -1.07 -18.38 0.23
CA THR A 80 -0.03 -18.06 1.15
C THR A 80 -0.33 -18.31 2.64
N VAL A 81 -1.60 -18.51 3.00
CA VAL A 81 -2.04 -19.11 4.30
C VAL A 81 -1.72 -20.63 4.26
N GLY A 82 -1.77 -21.34 3.09
CA GLY A 82 -1.40 -22.78 3.13
C GLY A 82 0.16 -22.89 3.28
N SER A 83 0.70 -21.99 2.46
CA SER A 83 2.13 -21.83 2.26
C SER A 83 2.78 -21.38 3.51
N LEU A 84 2.01 -20.64 4.42
CA LEU A 84 2.47 -20.42 5.79
C LEU A 84 2.55 -21.71 6.58
N ILE A 85 1.59 -22.63 6.48
CA ILE A 85 1.66 -24.01 7.07
C ILE A 85 2.88 -24.81 6.41
N LEU A 86 2.97 -24.86 5.08
CA LEU A 86 4.07 -25.56 4.42
C LEU A 86 5.48 -24.87 4.64
N GLY A 87 5.40 -23.55 4.89
CA GLY A 87 6.51 -22.70 5.37
C GLY A 87 7.19 -23.16 6.66
N TYR A 88 6.37 -23.61 7.61
CA TYR A 88 6.80 -24.24 8.88
C TYR A 88 7.24 -25.72 8.78
N THR A 89 6.51 -26.54 7.97
CA THR A 89 6.94 -27.94 7.86
C THR A 89 8.07 -28.29 6.89
N ARG A 90 8.26 -27.40 5.93
CA ARG A 90 9.38 -27.50 4.99
C ARG A 90 10.18 -26.26 4.69
N SER A 91 9.46 -25.15 4.34
CA SER A 91 10.11 -24.21 3.40
C SER A 91 11.15 -23.21 3.97
N ARG A 92 11.03 -22.89 5.29
CA ARG A 92 12.07 -22.10 6.01
C ARG A 92 13.51 -22.62 5.88
N LYS A 93 14.50 -21.72 5.82
CA LYS A 93 15.88 -21.98 5.41
C LYS A 93 16.71 -22.62 6.53
N VAL A 94 16.16 -23.68 7.10
CA VAL A 94 16.81 -24.64 8.11
C VAL A 94 16.25 -26.06 7.81
N ASP A 95 16.90 -27.11 8.27
CA ASP A 95 16.53 -28.51 7.83
C ASP A 95 15.28 -29.19 8.45
N LYS A 96 14.58 -30.06 7.74
CA LYS A 96 13.33 -30.74 8.17
C LYS A 96 13.64 -31.78 9.29
N ARG A 97 12.68 -31.92 10.19
CA ARG A 97 12.69 -32.91 11.26
C ARG A 97 11.39 -33.63 11.50
N SER A 98 10.73 -33.77 10.37
CA SER A 98 9.22 -34.06 10.22
C SER A 98 8.88 -34.94 9.04
N ASP A 99 7.98 -35.94 9.23
CA ASP A 99 7.57 -36.97 8.21
C ASP A 99 6.89 -36.42 6.93
N PRO A 100 6.83 -37.11 5.83
CA PRO A 100 6.20 -36.56 4.64
C PRO A 100 4.72 -36.22 4.81
N TYR A 101 4.12 -36.91 5.81
CA TYR A 101 2.77 -36.71 6.37
C TYR A 101 2.57 -35.52 7.18
N HIS A 102 3.55 -34.54 7.01
CA HIS A 102 3.71 -33.39 7.96
C HIS A 102 2.33 -32.81 8.36
N VAL A 103 1.36 -32.67 7.46
CA VAL A 103 0.08 -31.94 7.85
C VAL A 103 -0.72 -32.77 8.79
N TYR A 104 -0.56 -34.12 8.86
CA TYR A 104 -1.32 -35.10 9.67
C TYR A 104 -0.72 -35.34 11.07
N ILE A 105 0.63 -35.18 11.17
CA ILE A 105 1.44 -35.33 12.42
C ILE A 105 0.93 -34.31 13.42
N LYS A 106 0.52 -34.72 14.63
CA LYS A 106 0.21 -33.86 15.82
C LYS A 106 1.38 -33.07 16.31
N ASN A 107 2.36 -33.80 16.89
CA ASN A 107 3.63 -33.35 17.33
C ASN A 107 4.92 -34.00 16.89
N ARG A 108 4.89 -35.32 16.70
CA ARG A 108 6.10 -36.16 16.64
C ARG A 108 7.11 -35.78 15.59
N VAL A 109 8.36 -35.47 15.89
CA VAL A 109 9.50 -35.32 15.02
C VAL A 109 9.93 -36.64 14.34
N SER A 110 10.78 -36.49 13.31
CA SER A 110 11.34 -37.60 12.48
C SER A 110 12.66 -37.23 11.91
N MET A 111 13.56 -38.22 12.03
CA MET A 111 15.01 -38.14 11.61
C MET A 111 15.26 -39.18 10.44
N ILE A 112 14.25 -39.49 9.56
CA ILE A 112 14.42 -40.40 8.37
C ILE A 112 14.35 -39.58 7.02
N MET A 10 -32.21 25.43 -17.09
CA MET A 10 -32.32 23.99 -17.26
C MET A 10 -31.19 23.38 -18.12
N GLU A 11 -30.65 22.20 -17.75
CA GLU A 11 -29.66 21.48 -18.55
C GLU A 11 -30.28 20.72 -19.77
N THR A 12 -29.50 20.29 -20.75
CA THR A 12 -29.79 19.45 -21.85
C THR A 12 -29.97 17.98 -21.33
N THR A 13 -29.42 17.54 -20.17
CA THR A 13 -29.39 16.14 -19.76
C THR A 13 -30.68 15.77 -19.06
N ASN A 14 -30.94 14.45 -18.97
CA ASN A 14 -32.23 13.85 -18.53
C ASN A 14 -32.41 13.88 -17.03
N GLY A 15 -33.66 14.08 -16.69
CA GLY A 15 -34.09 14.29 -15.33
C GLY A 15 -35.13 15.43 -15.26
N THR A 16 -36.32 15.11 -14.78
CA THR A 16 -37.38 16.06 -14.59
C THR A 16 -36.99 17.09 -13.51
N GLU A 17 -37.58 18.24 -13.58
CA GLU A 17 -37.44 19.40 -12.61
C GLU A 17 -37.66 18.88 -11.09
N THR A 18 -38.72 18.14 -10.86
CA THR A 18 -38.89 17.50 -9.50
C THR A 18 -37.81 16.58 -8.96
N TRP A 19 -36.93 15.99 -9.78
CA TRP A 19 -35.67 15.32 -9.44
C TRP A 19 -34.57 16.36 -9.33
N TYR A 20 -34.36 17.34 -10.27
CA TYR A 20 -33.33 18.39 -10.19
C TYR A 20 -33.50 19.24 -8.91
N GLU A 21 -34.73 19.39 -8.37
CA GLU A 21 -35.02 19.87 -7.05
C GLU A 21 -34.56 19.02 -5.87
N SER A 22 -34.44 17.72 -6.03
CA SER A 22 -33.72 16.95 -5.00
C SER A 22 -32.18 17.16 -5.10
N LEU A 23 -31.59 17.03 -6.35
CA LEU A 23 -30.18 17.35 -6.51
C LEU A 23 -29.85 18.71 -5.86
N HIS A 24 -30.78 19.64 -6.03
CA HIS A 24 -30.61 21.00 -5.50
C HIS A 24 -30.59 20.98 -3.97
N ALA A 25 -31.52 20.23 -3.38
CA ALA A 25 -31.68 20.11 -1.91
C ALA A 25 -30.49 19.45 -1.31
N VAL A 26 -30.18 18.28 -1.83
CA VAL A 26 -28.96 17.55 -1.62
C VAL A 26 -27.69 18.38 -1.76
N LEU A 27 -27.55 19.33 -2.72
CA LEU A 27 -26.46 20.32 -2.84
C LEU A 27 -26.55 21.49 -1.91
N LYS A 28 -27.79 21.96 -1.50
CA LYS A 28 -28.01 23.00 -0.44
C LYS A 28 -27.75 22.53 0.96
N ALA A 29 -27.93 21.28 1.23
CA ALA A 29 -27.42 20.47 2.40
C ALA A 29 -25.93 20.27 2.32
N LEU A 30 -25.39 20.04 1.11
CA LEU A 30 -23.96 19.83 0.98
C LEU A 30 -23.23 21.20 1.19
N ASN A 31 -23.78 22.39 0.79
CA ASN A 31 -23.15 23.69 0.92
C ASN A 31 -23.35 24.18 2.38
N ALA A 32 -24.37 23.71 3.07
CA ALA A 32 -24.44 23.72 4.56
C ALA A 32 -23.46 22.87 5.34
N THR A 33 -23.46 21.53 5.19
CA THR A 33 -22.31 20.66 5.49
C THR A 33 -20.87 21.07 5.26
N LEU A 34 -20.64 21.96 4.24
CA LEU A 34 -19.38 22.66 3.91
C LEU A 34 -19.18 23.98 4.63
N HIS A 35 -20.16 24.94 4.61
CA HIS A 35 -19.98 26.22 5.36
C HIS A 35 -19.96 25.99 6.91
N SER A 36 -20.51 25.01 7.45
CA SER A 36 -20.30 24.59 8.85
C SER A 36 -18.83 24.23 9.23
N ASN A 37 -18.16 23.53 8.34
CA ASN A 37 -16.70 23.25 8.37
C ASN A 37 -15.86 24.55 8.18
N LEU A 38 -16.21 25.36 7.25
CA LEU A 38 -15.48 26.62 7.22
C LEU A 38 -15.59 27.49 8.43
N LEU A 39 -16.83 27.51 8.97
CA LEU A 39 -17.08 28.18 10.26
C LEU A 39 -16.51 27.49 11.55
N CYS A 40 -16.50 26.17 11.57
CA CYS A 40 -15.98 25.42 12.75
C CYS A 40 -14.91 25.98 13.72
N ARG A 41 -15.33 26.37 14.94
CA ARG A 41 -14.58 26.78 16.09
C ARG A 41 -15.33 26.67 17.45
N PRO A 42 -14.78 26.15 18.59
CA PRO A 42 -15.55 25.79 19.73
C PRO A 42 -16.30 26.99 20.39
N GLY A 43 -17.52 26.82 20.86
CA GLY A 43 -17.96 27.66 22.04
C GLY A 43 -19.26 27.11 22.75
N PRO A 44 -19.86 27.95 23.59
CA PRO A 44 -20.93 27.60 24.48
C PRO A 44 -22.28 27.33 23.80
N GLY A 45 -22.62 28.19 22.85
CA GLY A 45 -23.96 28.12 22.10
C GLY A 45 -24.05 27.08 21.04
N LEU A 46 -25.03 27.16 20.20
CA LEU A 46 -25.23 26.06 19.17
C LEU A 46 -24.42 26.51 17.93
N GLY A 47 -23.59 25.67 17.35
CA GLY A 47 -22.59 26.13 16.36
C GLY A 47 -21.35 25.14 16.27
N PRO A 48 -20.63 25.17 15.12
CA PRO A 48 -19.79 23.96 14.80
C PRO A 48 -18.50 23.92 15.61
N ASP A 49 -18.09 22.74 16.08
CA ASP A 49 -16.96 22.54 16.85
C ASP A 49 -16.11 21.32 16.49
N ASN A 50 -16.70 20.31 15.72
CA ASN A 50 -16.12 18.98 15.43
C ASN A 50 -15.95 18.57 13.86
N GLN A 51 -16.23 19.55 13.05
CA GLN A 51 -16.60 19.39 11.64
C GLN A 51 -15.37 19.40 10.70
N THR A 52 -14.15 19.11 11.25
CA THR A 52 -12.92 18.75 10.49
C THR A 52 -13.05 17.55 9.58
N GLU A 53 -12.12 17.34 8.59
CA GLU A 53 -12.13 16.25 7.60
C GLU A 53 -11.90 14.78 8.14
N GLU A 54 -12.33 13.85 7.36
CA GLU A 54 -12.13 12.44 7.56
C GLU A 54 -10.65 11.99 7.53
N ARG A 55 -10.10 11.40 8.58
CA ARG A 55 -8.70 11.13 8.70
C ARG A 55 -8.22 10.12 7.65
N ARG A 56 -9.07 9.39 6.91
CA ARG A 56 -8.57 8.30 6.02
C ARG A 56 -7.75 8.77 4.84
N ALA A 57 -6.79 7.98 4.29
CA ALA A 57 -5.74 8.45 3.29
C ALA A 57 -6.38 9.13 2.10
N SER A 58 -5.67 10.07 1.46
CA SER A 58 -6.08 10.80 0.27
C SER A 58 -5.59 10.25 -1.10
N LEU A 59 -4.87 9.12 -1.08
CA LEU A 59 -4.42 8.39 -2.29
C LEU A 59 -5.58 8.12 -3.24
N PRO A 60 -5.51 8.70 -4.49
CA PRO A 60 -6.47 8.38 -5.57
C PRO A 60 -6.46 6.98 -6.18
N GLY A 61 -7.61 6.41 -6.51
CA GLY A 61 -7.69 4.98 -6.93
C GLY A 61 -7.00 4.82 -8.31
N ARG A 62 -6.78 3.59 -8.67
CA ARG A 62 -6.02 3.24 -9.92
C ARG A 62 -6.85 2.55 -11.00
N ASP A 63 -6.21 2.18 -12.13
CA ASP A 63 -6.90 1.46 -13.24
C ASP A 63 -7.43 0.07 -12.82
N ASP A 64 -8.56 -0.35 -13.37
CA ASP A 64 -9.21 -1.50 -12.94
C ASP A 64 -8.45 -2.83 -13.18
N ASN A 65 -7.54 -2.93 -14.16
CA ASN A 65 -6.83 -4.19 -14.36
C ASN A 65 -5.89 -4.64 -13.17
N SER A 66 -5.49 -3.61 -12.37
CA SER A 66 -4.68 -3.73 -11.10
C SER A 66 -5.50 -4.23 -9.95
N TYR A 67 -6.77 -3.81 -9.79
CA TYR A 67 -7.79 -4.42 -8.95
C TYR A 67 -8.25 -5.91 -9.27
N MET A 68 -8.11 -6.30 -10.56
CA MET A 68 -8.26 -7.70 -11.02
C MET A 68 -7.14 -8.61 -10.48
N TYR A 69 -5.93 -8.01 -10.46
CA TYR A 69 -4.90 -8.50 -9.59
C TYR A 69 -5.15 -8.35 -8.08
N ILE A 70 -5.98 -7.43 -7.56
CA ILE A 70 -6.25 -7.38 -6.14
C ILE A 70 -7.17 -8.62 -5.76
N LEU A 71 -8.04 -9.01 -6.67
CA LEU A 71 -8.89 -10.21 -6.56
C LEU A 71 -8.13 -11.49 -6.65
N PHE A 72 -7.20 -11.56 -7.62
CA PHE A 72 -6.12 -12.60 -7.61
C PHE A 72 -5.18 -12.63 -6.41
N VAL A 73 -5.08 -11.52 -5.68
CA VAL A 73 -4.22 -11.40 -4.48
C VAL A 73 -5.10 -11.78 -3.29
N MET A 74 -6.42 -11.70 -3.23
CA MET A 74 -7.31 -12.45 -2.23
C MET A 74 -7.39 -13.94 -2.51
N PHE A 75 -7.23 -14.37 -3.72
CA PHE A 75 -6.86 -15.77 -4.03
C PHE A 75 -5.48 -16.23 -3.54
N LEU A 76 -4.41 -15.47 -3.87
CA LEU A 76 -2.98 -15.70 -3.53
C LEU A 76 -2.80 -15.59 -2.05
N PHE A 77 -3.64 -14.80 -1.26
CA PHE A 77 -3.86 -14.84 0.21
C PHE A 77 -4.27 -16.16 0.89
N ALA A 78 -5.33 -16.82 0.40
CA ALA A 78 -5.64 -18.18 0.80
C ALA A 78 -4.55 -19.22 0.51
N VAL A 79 -3.83 -19.00 -0.60
CA VAL A 79 -2.73 -19.81 -1.12
C VAL A 79 -1.47 -19.61 -0.33
N THR A 80 -1.15 -18.41 0.13
CA THR A 80 -0.19 -18.04 1.19
C THR A 80 -0.63 -18.41 2.62
N VAL A 81 -1.91 -18.59 2.91
CA VAL A 81 -2.24 -19.30 4.18
C VAL A 81 -1.71 -20.75 4.16
N GLY A 82 -1.86 -21.50 3.05
CA GLY A 82 -1.38 -22.79 2.76
C GLY A 82 0.13 -22.81 2.70
N SER A 83 0.74 -21.82 2.06
CA SER A 83 2.20 -21.67 1.96
C SER A 83 2.79 -21.30 3.24
N LEU A 84 2.08 -20.78 4.24
CA LEU A 84 2.72 -20.44 5.55
C LEU A 84 2.83 -21.73 6.34
N ILE A 85 1.75 -22.53 6.40
CA ILE A 85 1.84 -23.83 7.04
C ILE A 85 2.97 -24.73 6.49
N LEU A 86 3.02 -24.91 5.11
CA LEU A 86 4.09 -25.57 4.32
C LEU A 86 5.40 -24.81 4.46
N GLY A 87 5.31 -23.55 4.84
CA GLY A 87 6.44 -22.87 5.42
C GLY A 87 6.91 -23.42 6.76
N TYR A 88 6.13 -23.59 7.83
CA TYR A 88 6.58 -24.09 9.09
C TYR A 88 7.22 -25.48 9.04
N THR A 89 6.63 -26.34 8.22
CA THR A 89 7.16 -27.69 7.89
C THR A 89 8.36 -27.88 6.91
N ARG A 90 8.56 -27.00 5.91
CA ARG A 90 9.66 -27.05 4.96
C ARG A 90 10.74 -25.97 5.02
N SER A 91 10.33 -24.77 4.71
CA SER A 91 11.19 -23.59 4.54
C SER A 91 11.79 -23.05 5.85
N ARG A 92 11.05 -23.21 6.98
CA ARG A 92 11.57 -22.90 8.40
C ARG A 92 12.55 -23.91 9.08
N LYS A 93 12.76 -25.08 8.50
CA LYS A 93 13.73 -26.14 8.96
C LYS A 93 15.22 -25.89 8.88
N VAL A 94 15.61 -24.66 9.01
CA VAL A 94 16.95 -24.12 8.83
C VAL A 94 18.15 -24.92 9.43
N ASP A 95 17.88 -25.43 10.63
CA ASP A 95 18.74 -26.30 11.39
C ASP A 95 18.90 -27.78 11.10
N LYS A 96 18.17 -28.24 10.09
CA LYS A 96 18.14 -29.61 9.55
C LYS A 96 18.69 -29.56 8.16
N ARG A 97 19.37 -30.61 7.61
CA ARG A 97 19.86 -30.57 6.21
C ARG A 97 18.95 -31.22 5.16
N SER A 98 18.37 -32.41 5.33
CA SER A 98 17.43 -33.11 4.44
C SER A 98 16.85 -34.32 5.05
N ASP A 99 15.68 -34.73 4.53
CA ASP A 99 14.92 -35.85 4.99
C ASP A 99 15.55 -37.19 4.60
N PRO A 100 15.74 -38.15 5.49
CA PRO A 100 16.34 -39.46 5.14
C PRO A 100 15.46 -40.55 4.45
N TYR A 101 15.01 -40.29 3.21
CA TYR A 101 14.06 -41.21 2.61
C TYR A 101 14.58 -42.61 2.40
N HIS A 102 15.86 -42.85 2.43
CA HIS A 102 16.43 -44.19 2.32
C HIS A 102 16.21 -45.01 3.61
N VAL A 103 15.77 -44.41 4.71
CA VAL A 103 15.41 -45.22 5.92
C VAL A 103 14.04 -45.96 5.88
N TYR A 104 13.24 -45.64 4.89
CA TYR A 104 11.90 -46.10 4.72
C TYR A 104 11.36 -46.21 3.28
N ILE A 105 12.06 -45.76 2.24
CA ILE A 105 11.87 -46.20 0.78
C ILE A 105 12.90 -47.34 0.45
N LYS A 106 12.56 -48.08 -0.62
CA LYS A 106 13.19 -49.42 -0.96
C LYS A 106 14.10 -49.26 -2.20
N ASN A 107 14.01 -48.10 -2.84
CA ASN A 107 14.81 -47.83 -4.07
C ASN A 107 16.30 -47.40 -3.68
N ARG A 108 17.21 -47.67 -4.64
CA ARG A 108 18.61 -47.39 -4.51
C ARG A 108 18.91 -45.89 -4.42
N VAL A 109 18.07 -44.98 -3.86
CA VAL A 109 18.28 -43.53 -3.71
C VAL A 109 19.24 -43.10 -2.56
N SER A 110 19.76 -41.90 -2.60
CA SER A 110 20.61 -41.41 -1.52
C SER A 110 20.31 -39.98 -1.12
N MET A 111 20.68 -39.62 0.10
CA MET A 111 20.24 -38.44 0.89
C MET A 111 21.03 -37.19 0.47
N ILE A 112 20.41 -35.96 0.53
CA ILE A 112 21.02 -34.73 0.00
C ILE A 112 21.75 -33.95 1.14
#